data_6W2B
#
_entry.id   6W2B
#
_cell.length_a   128.020
_cell.length_b   161.910
_cell.length_c   139.660
_cell.angle_alpha   90.000
_cell.angle_beta   90.000
_cell.angle_gamma   90.000
#
_symmetry.space_group_name_H-M   'C 2 2 21'
#
loop_
_entity.id
_entity.type
_entity.pdbx_description
1 polymer 'Sodium-dependent serotonin transporter'
2 polymer '8B6 heavy chain antibody fragment'
3 polymer '8B6 light chain antibody fragment'
4 non-polymer 2-acetamido-2-deoxy-beta-D-glucopyranose
5 non-polymer Br-paroxetine
#
loop_
_entity_poly.entity_id
_entity_poly.type
_entity_poly.pdbx_seq_one_letter_code
_entity_poly.pdbx_strand_id
1 'polypeptide(L)'
;GSQGERETWGKKVDFLLSVIGYAVDLGNVWRFPYICAQNGGGAFLLPYTIMAIFGGIPLFYMELALGQYHRNGCISIWRK
ICPIFKGIGYAICIIAFYIASYYNTIMAWALYYLISSFTDQLPWTSCKNSWNTGNCTNYFSEDNITWTLHSTSPAEEFYT
RHVLQIHRSKGLQDLGGISWQLALCIMLIFTVIYFSIWKGVKTSGKVVWVTATFPYIALSVLLVRGATLPGAWRGVLFYL
KPNWQKLLETGVWIDAAAQIFFSLGPGFGVLLAFASYNKFNNNCYQDALVTSVVNCMTSFVSGFVIFTVLGYMAEMRNED
VSEVAKDAGPSLLFITYAEAIANMPASTFFAIIFFLMLITLGLDSTFAGLEGVITAVLDEFPHVWAKRRERFVLAVVITC
FFGSLVTLTFGGAYVVKLLEEYATGPAVLTVALIEAVAVSWFYGITQFCRDVKEMLGFSPGWFWRICWVAISPLFLLFII
ASFLMSPPQLRLFQYNYPYWSIILGYAIGTSSFICIPTYIAYRLIITPGTFKERIIKSITPETPTLVPR
;
A
2 'polypeptide(L)'
;EVQLQQSGPELVKPGASVKISCKASGYTFTDYYMNWVKQSHGKSLEWIGNINPNNGGTSYNQKFKGKATLTVDKSSTTAY
MELRSLTSEDSAVYYCTRSPVRPYYFDYWGQGTTLTVSSAKTTPPSVYPLAPGCGDTTGSSVTLGCLVKGYFPESVTVTW
NSGSLSSSVHTFPALLQSGLYTMSSSVTVPSSTWPSQTVTCSVAHPASSTTVDKKLEPRGSHHHHHHHH
;
B
3 'polypeptide(L)'
;DIVMTQSHKFMSTSVGDRVSITCKASQDVSTAVAWYQQKPGQSPKLLIYSASYRYTGVPDRFTGSGSGTDFTFTISSVQA
EDLAVYYCQQHYSIPRTFGGGTKLEIKRADAAPTVSIFPPSSEQLTSGGASVVCFLNNFYPKDINVKWKIDGSERQNGVL
NSWTDQDSKDSTYSMSSTLTLTKDEYERHNSYTCEATHKTSTSPIVKSFNRNEC
;
C
#
loop_
_chem_comp.id
_chem_comp.type
_chem_comp.name
_chem_comp.formula
NAG D-saccharide, beta linking 2-acetamido-2-deoxy-beta-D-glucopyranose 'C8 H15 N O6'
RFS non-polymer Br-paroxetine 'C19 H20 Br N O3'
#
# COMPACT_ATOMS: atom_id res chain seq x y z
N GLY A 1 7.55 -49.27 14.12
CA GLY A 1 7.18 -49.45 12.72
C GLY A 1 6.77 -48.14 12.06
N SER A 2 6.14 -48.26 10.88
CA SER A 2 5.68 -47.12 10.09
C SER A 2 6.87 -46.17 9.88
N GLN A 3 6.76 -44.89 10.22
CA GLN A 3 7.88 -43.97 10.04
C GLN A 3 9.03 -44.33 10.98
N GLY A 4 8.76 -44.32 12.29
CA GLY A 4 9.75 -44.68 13.29
C GLY A 4 10.91 -43.71 13.32
N GLU A 5 12.09 -44.16 12.90
CA GLU A 5 13.26 -43.29 12.90
C GLU A 5 13.07 -42.16 11.91
N ARG A 6 13.64 -41.01 12.23
CA ARG A 6 13.50 -39.84 11.38
C ARG A 6 14.42 -39.99 10.15
N GLU A 7 14.26 -39.08 9.18
CA GLU A 7 15.07 -39.12 7.97
C GLU A 7 16.47 -38.55 8.25
N THR A 8 17.37 -38.71 7.28
CA THR A 8 18.71 -38.19 7.45
C THR A 8 19.08 -37.28 6.29
N TRP A 9 20.02 -36.12 6.38
CA TRP A 9 20.42 -35.19 5.33
C TRP A 9 21.21 -35.92 4.24
N GLY A 10 21.23 -35.36 3.03
CA GLY A 10 21.95 -35.96 1.92
C GLY A 10 23.47 -35.84 1.83
N LYS A 11 24.05 -34.85 2.51
CA LYS A 11 25.50 -34.64 2.54
C LYS A 11 25.86 -33.65 3.65
N LYS A 12 27.13 -33.69 4.08
CA LYS A 12 27.63 -32.79 5.11
C LYS A 12 27.62 -31.33 4.67
N VAL A 13 28.08 -31.08 3.43
CA VAL A 13 28.19 -29.73 2.90
C VAL A 13 26.82 -29.07 2.72
N ASP A 14 25.78 -29.85 2.50
CA ASP A 14 24.44 -29.29 2.30
C ASP A 14 23.94 -28.59 3.57
N PHE A 15 24.12 -29.38 4.77
CA PHE A 15 23.74 -28.84 6.07
C PHE A 15 24.73 -27.76 6.47
N LEU A 16 25.96 -27.73 6.11
CA LEU A 16 26.89 -26.66 6.46
C LEU A 16 26.46 -25.37 5.76
N LEU A 17 26.30 -25.45 4.43
CA LEU A 17 25.83 -24.31 3.65
C LEU A 17 24.39 -23.96 3.95
N SER A 18 23.61 -24.90 4.51
CA SER A 18 22.21 -24.64 4.85
C SER A 18 22.12 -23.77 6.09
N VAL A 19 22.87 -24.12 7.13
CA VAL A 19 22.85 -23.29 8.34
C VAL A 19 23.55 -21.98 8.05
N ILE A 20 24.51 -21.99 7.11
CA ILE A 20 25.11 -20.73 6.66
C ILE A 20 24.06 -19.90 5.94
N GLY A 21 23.20 -20.57 5.18
CA GLY A 21 22.15 -19.87 4.46
C GLY A 21 21.16 -19.19 5.39
N TYR A 22 20.80 -19.89 6.47
CA TYR A 22 19.96 -19.24 7.48
C TYR A 22 20.69 -18.06 8.11
N ALA A 23 21.97 -18.25 8.45
CA ALA A 23 22.73 -17.22 9.17
C ALA A 23 22.89 -15.94 8.35
N VAL A 24 23.11 -16.05 7.03
CA VAL A 24 23.45 -14.93 6.17
C VAL A 24 22.21 -14.37 5.46
N ASP A 25 22.01 -13.06 5.57
CA ASP A 25 20.82 -12.43 4.99
C ASP A 25 21.15 -11.00 4.60
N LEU A 26 20.09 -10.18 4.45
CA LEU A 26 20.22 -8.75 4.11
C LEU A 26 20.98 -8.01 5.20
N GLY A 27 20.57 -8.24 6.46
CA GLY A 27 21.14 -7.52 7.56
C GLY A 27 22.65 -7.71 7.64
N ASN A 28 23.11 -8.91 7.33
CA ASN A 28 24.55 -9.11 7.21
C ASN A 28 25.16 -8.14 6.22
N VAL A 29 24.45 -7.83 5.14
CA VAL A 29 25.01 -6.97 4.09
C VAL A 29 25.06 -5.51 4.53
N TRP A 30 23.97 -4.98 5.12
CA TRP A 30 23.96 -3.53 5.32
C TRP A 30 23.83 -3.12 6.78
N ARG A 31 23.22 -3.97 7.60
CA ARG A 31 23.00 -3.64 9.01
C ARG A 31 24.33 -3.57 9.74
N PHE A 32 25.13 -4.65 9.65
CA PHE A 32 26.41 -4.67 10.33
C PHE A 32 27.35 -3.56 9.87
N PRO A 33 27.48 -3.24 8.58
CA PRO A 33 28.38 -2.13 8.21
C PRO A 33 27.92 -0.79 8.79
N TYR A 34 26.61 -0.57 8.87
CA TYR A 34 26.10 0.67 9.43
C TYR A 34 26.37 0.75 10.92
N ILE A 35 25.95 -0.27 11.67
CA ILE A 35 26.13 -0.28 13.12
C ILE A 35 27.60 -0.31 13.47
N CYS A 36 28.44 -0.80 12.56
CA CYS A 36 29.87 -0.86 12.80
C CYS A 36 30.48 0.52 12.62
N ALA A 37 30.26 1.14 11.46
CA ALA A 37 30.84 2.46 11.19
C ALA A 37 30.25 3.54 12.08
N GLN A 38 29.08 3.33 12.66
CA GLN A 38 28.48 4.33 13.54
C GLN A 38 29.01 4.25 14.97
N ASN A 39 29.17 3.04 15.52
CA ASN A 39 29.59 2.86 16.91
C ASN A 39 31.10 2.61 16.97
N GLY A 40 31.86 3.71 16.89
CA GLY A 40 33.30 3.66 17.07
C GLY A 40 34.09 3.06 15.92
N GLY A 41 33.46 2.82 14.78
CA GLY A 41 34.16 2.28 13.62
C GLY A 41 34.77 0.91 13.86
N GLY A 42 36.03 0.77 13.45
CA GLY A 42 36.73 -0.50 13.60
C GLY A 42 36.81 -1.01 15.03
N ALA A 43 36.83 -0.10 16.01
CA ALA A 43 36.88 -0.51 17.41
C ALA A 43 35.68 -1.37 17.78
N PHE A 44 34.58 -1.25 17.05
CA PHE A 44 33.39 -2.06 17.29
C PHE A 44 33.69 -3.54 17.16
N LEU A 45 34.78 -3.92 16.47
CA LEU A 45 35.15 -5.32 16.36
C LEU A 45 35.50 -5.91 17.73
N LEU A 46 36.01 -5.06 18.64
CA LEU A 46 36.46 -5.58 19.94
C LEU A 46 35.31 -6.12 20.77
N PRO A 47 34.19 -5.38 20.99
CA PRO A 47 33.08 -5.97 21.76
C PRO A 47 32.29 -6.96 20.94
N TYR A 48 32.14 -6.70 19.65
CA TYR A 48 31.35 -7.58 18.78
C TYR A 48 31.82 -9.02 18.89
N THR A 49 33.14 -9.24 18.87
CA THR A 49 33.66 -10.58 19.04
C THR A 49 33.37 -11.12 20.43
N ILE A 50 33.56 -10.29 21.46
CA ILE A 50 33.27 -10.73 22.82
C ILE A 50 31.81 -11.18 22.92
N MET A 51 30.88 -10.28 22.56
CA MET A 51 29.47 -10.63 22.55
C MET A 51 29.20 -11.85 21.68
N ALA A 52 30.06 -12.11 20.70
CA ALA A 52 29.98 -13.34 19.94
C ALA A 52 30.40 -14.52 20.79
N ILE A 53 31.64 -14.48 21.29
CA ILE A 53 32.23 -15.62 22.00
C ILE A 53 31.40 -15.96 23.24
N PHE A 54 31.06 -14.96 24.04
CA PHE A 54 30.35 -15.23 25.28
C PHE A 54 28.84 -15.40 25.06
N GLY A 55 28.28 -14.85 24.00
CA GLY A 55 26.84 -14.88 23.84
C GLY A 55 26.31 -15.69 22.67
N GLY A 56 26.65 -15.27 21.44
CA GLY A 56 26.10 -15.91 20.26
C GLY A 56 26.54 -17.36 20.09
N ILE A 57 27.85 -17.60 20.13
CA ILE A 57 28.37 -18.95 19.90
C ILE A 57 27.81 -19.99 20.88
N PRO A 58 27.75 -19.72 22.19
CA PRO A 58 27.22 -20.76 23.08
C PRO A 58 25.77 -21.12 22.82
N LEU A 59 24.91 -20.13 22.59
CA LEU A 59 23.53 -20.42 22.27
C LEU A 59 23.41 -21.17 20.95
N PHE A 60 24.19 -20.74 19.95
CA PHE A 60 24.21 -21.39 18.65
C PHE A 60 24.54 -22.87 18.78
N TYR A 61 25.69 -23.17 19.40
CA TYR A 61 26.15 -24.54 19.56
C TYR A 61 25.28 -25.37 20.51
N MET A 62 24.68 -24.74 21.53
CA MET A 62 23.80 -25.49 22.41
C MET A 62 22.53 -25.89 21.67
N GLU A 63 21.89 -24.93 21.01
CA GLU A 63 20.73 -25.20 20.18
C GLU A 63 21.03 -26.29 19.17
N LEU A 64 22.14 -26.16 18.43
CA LEU A 64 22.51 -27.15 17.42
C LEU A 64 22.70 -28.54 18.03
N ALA A 65 23.39 -28.61 19.19
CA ALA A 65 23.65 -29.89 19.82
C ALA A 65 22.35 -30.56 20.26
N LEU A 66 21.46 -29.80 20.90
CA LEU A 66 20.16 -30.33 21.28
C LEU A 66 19.38 -30.82 20.07
N GLY A 67 19.41 -30.03 18.98
CA GLY A 67 18.71 -30.41 17.77
C GLY A 67 19.16 -31.75 17.23
N GLN A 68 20.48 -31.93 17.08
CA GLN A 68 20.99 -33.17 16.52
C GLN A 68 20.87 -34.33 17.50
N TYR A 69 20.89 -34.04 18.80
CA TYR A 69 20.87 -35.10 19.81
C TYR A 69 19.47 -35.67 20.02
N HIS A 70 18.46 -34.81 20.20
CA HIS A 70 17.11 -35.28 20.54
C HIS A 70 16.25 -35.58 19.31
N ARG A 71 16.58 -35.03 18.15
CA ARG A 71 15.84 -35.24 16.91
C ARG A 71 14.35 -34.94 17.03
N ASN A 72 13.99 -33.93 17.82
CA ASN A 72 12.59 -33.59 17.99
C ASN A 72 12.32 -32.17 17.48
N GLY A 73 11.05 -31.87 17.27
CA GLY A 73 10.62 -30.56 16.79
C GLY A 73 10.73 -29.49 17.87
N CYS A 74 10.23 -28.30 17.54
CA CYS A 74 10.28 -27.20 18.49
C CYS A 74 9.23 -27.33 19.58
N ILE A 75 8.24 -28.20 19.39
CA ILE A 75 7.16 -28.39 20.35
C ILE A 75 7.28 -29.74 21.04
N SER A 76 7.72 -30.77 20.30
CA SER A 76 7.81 -32.12 20.81
C SER A 76 9.06 -32.32 21.67
N ILE A 77 10.07 -31.46 21.51
CA ILE A 77 11.30 -31.59 22.30
C ILE A 77 11.06 -31.14 23.73
N TRP A 78 10.09 -30.24 23.93
CA TRP A 78 9.79 -29.78 25.27
C TRP A 78 8.99 -30.82 26.04
N ARG A 79 8.30 -31.70 25.31
CA ARG A 79 7.59 -32.81 25.94
C ARG A 79 8.59 -33.72 26.64
N LYS A 80 9.79 -33.86 26.08
CA LYS A 80 10.83 -34.74 26.61
C LYS A 80 11.91 -33.99 27.37
N ILE A 81 11.72 -32.69 27.63
CA ILE A 81 12.68 -31.93 28.44
C ILE A 81 11.94 -31.31 29.61
N CYS A 82 11.11 -30.29 29.33
CA CYS A 82 10.32 -29.62 30.36
C CYS A 82 8.93 -29.34 29.82
N PRO A 83 7.98 -30.27 30.00
CA PRO A 83 6.65 -30.11 29.39
C PRO A 83 6.00 -28.76 29.65
N ILE A 84 6.17 -28.16 30.83
CA ILE A 84 5.54 -26.88 31.12
C ILE A 84 5.97 -25.81 30.14
N PHE A 85 7.19 -25.91 29.59
CA PHE A 85 7.70 -24.92 28.66
C PHE A 85 7.41 -25.30 27.20
N LYS A 86 6.51 -26.25 27.00
CA LYS A 86 6.09 -26.65 25.66
C LYS A 86 5.57 -25.44 24.89
N GLY A 87 4.90 -24.51 25.59
CA GLY A 87 4.41 -23.30 24.94
C GLY A 87 5.47 -22.52 24.21
N ILE A 88 6.75 -22.66 24.61
CA ILE A 88 7.84 -22.05 23.85
C ILE A 88 7.74 -22.44 22.38
N GLY A 89 7.62 -23.74 22.12
CA GLY A 89 7.48 -24.20 20.74
C GLY A 89 6.32 -23.54 20.02
N TYR A 90 5.25 -23.23 20.76
CA TYR A 90 4.12 -22.52 20.15
C TYR A 90 4.48 -21.07 19.87
N ALA A 91 5.14 -20.42 20.84
CA ALA A 91 5.48 -18.99 20.71
C ALA A 91 6.25 -18.73 19.42
N ILE A 92 7.31 -19.50 19.19
CA ILE A 92 8.07 -19.36 17.95
C ILE A 92 7.16 -19.43 16.74
N CYS A 93 6.23 -20.40 16.74
CA CYS A 93 5.31 -20.54 15.60
C CYS A 93 4.57 -19.23 15.32
N ILE A 94 4.22 -18.49 16.37
CA ILE A 94 3.58 -17.20 16.14
C ILE A 94 4.60 -16.17 15.69
N ILE A 95 5.74 -16.11 16.40
CA ILE A 95 6.80 -15.16 16.08
C ILE A 95 7.17 -15.24 14.60
N ALA A 96 7.50 -16.44 14.13
CA ALA A 96 7.85 -16.66 12.73
C ALA A 96 6.80 -16.06 11.80
N PHE A 97 5.51 -16.25 12.12
CA PHE A 97 4.46 -15.67 11.30
C PHE A 97 4.62 -14.17 11.14
N TYR A 98 4.76 -13.46 12.26
CA TYR A 98 4.96 -12.01 12.19
C TYR A 98 6.16 -11.65 11.33
N ILE A 99 7.21 -12.48 11.39
CA ILE A 99 8.39 -12.20 10.59
C ILE A 99 8.09 -12.43 9.12
N ALA A 100 7.33 -13.48 8.83
CA ALA A 100 7.13 -13.81 7.44
C ALA A 100 6.15 -12.85 6.80
N SER A 101 5.65 -11.89 7.57
CA SER A 101 4.72 -10.95 6.98
C SER A 101 5.49 -9.83 6.30
N TYR A 102 6.70 -9.50 6.79
CA TYR A 102 7.44 -8.39 6.21
C TYR A 102 8.76 -8.79 5.56
N TYR A 103 9.41 -9.86 6.03
CA TYR A 103 10.75 -10.18 5.55
C TYR A 103 10.77 -10.45 4.05
N ASN A 104 9.71 -11.07 3.52
CA ASN A 104 9.67 -11.41 2.11
C ASN A 104 9.15 -10.27 1.25
N THR A 105 8.50 -9.27 1.85
CA THR A 105 8.05 -8.14 1.05
C THR A 105 9.24 -7.34 0.62
N ILE A 106 10.30 -7.35 1.44
CA ILE A 106 11.53 -6.70 1.07
C ILE A 106 12.12 -7.41 -0.14
N MET A 107 12.11 -8.74 -0.10
CA MET A 107 12.55 -9.51 -1.26
C MET A 107 11.65 -9.25 -2.45
N ALA A 108 10.39 -8.87 -2.20
CA ALA A 108 9.50 -8.52 -3.30
C ALA A 108 9.93 -7.21 -3.93
N TRP A 109 10.37 -6.26 -3.09
CA TRP A 109 10.90 -5.01 -3.63
C TRP A 109 12.13 -5.30 -4.48
N ALA A 110 13.06 -6.08 -3.94
CA ALA A 110 14.25 -6.42 -4.71
C ALA A 110 13.86 -7.17 -5.96
N LEU A 111 12.74 -7.90 -5.93
CA LEU A 111 12.32 -8.62 -7.11
C LEU A 111 11.69 -7.66 -8.12
N TYR A 112 10.93 -6.68 -7.62
CA TYR A 112 10.34 -5.69 -8.50
C TYR A 112 11.43 -4.86 -9.17
N TYR A 113 12.48 -4.53 -8.42
CA TYR A 113 13.62 -3.87 -9.04
C TYR A 113 14.29 -4.77 -10.07
N LEU A 114 14.44 -6.06 -9.74
CA LEU A 114 15.14 -6.97 -10.65
C LEU A 114 14.45 -7.08 -11.99
N ILE A 115 13.12 -7.22 -12.00
CA ILE A 115 12.45 -7.34 -13.28
C ILE A 115 12.33 -5.98 -13.94
N SER A 116 12.44 -4.92 -13.16
CA SER A 116 12.42 -3.58 -13.71
C SER A 116 13.83 -3.14 -14.12
N SER A 117 14.82 -4.02 -13.98
CA SER A 117 16.20 -3.68 -14.29
C SER A 117 16.67 -4.25 -15.63
N PHE A 118 15.78 -4.88 -16.39
CA PHE A 118 16.13 -5.48 -17.67
C PHE A 118 16.14 -4.49 -18.83
N THR A 119 15.62 -3.27 -18.62
CA THR A 119 15.62 -2.25 -19.65
C THR A 119 17.02 -1.66 -19.85
N ASP A 120 17.31 -1.27 -21.10
CA ASP A 120 18.61 -0.69 -21.44
C ASP A 120 18.84 0.60 -20.67
N GLN A 121 17.80 1.42 -20.49
CA GLN A 121 17.89 2.64 -19.69
C GLN A 121 17.11 2.40 -18.41
N LEU A 122 17.83 2.39 -17.29
CA LEU A 122 17.22 2.06 -16.00
C LEU A 122 16.22 3.13 -15.58
N PRO A 123 15.07 2.73 -15.04
CA PRO A 123 14.01 3.69 -14.71
C PRO A 123 14.44 4.78 -13.75
N TRP A 124 15.26 4.46 -12.74
CA TRP A 124 15.60 5.44 -11.72
C TRP A 124 16.76 6.35 -12.13
N THR A 125 17.01 6.50 -13.43
CA THR A 125 18.04 7.40 -13.94
C THR A 125 17.44 8.72 -14.40
N SER A 126 16.35 8.68 -15.17
CA SER A 126 15.70 9.88 -15.67
C SER A 126 14.55 10.31 -14.75
N CYS A 127 14.08 11.52 -14.98
CA CYS A 127 12.96 12.08 -14.23
C CYS A 127 11.72 12.17 -15.09
N LYS A 128 11.83 11.88 -16.38
CA LYS A 128 10.72 11.95 -17.33
C LYS A 128 9.91 10.65 -17.29
N ASN A 129 9.32 10.40 -16.14
CA ASN A 129 8.50 9.21 -15.93
C ASN A 129 7.10 9.62 -15.50
N SER A 130 6.27 8.62 -15.21
CA SER A 130 4.87 8.85 -14.88
C SER A 130 4.65 9.03 -13.39
N TRP A 131 5.69 8.87 -12.57
CA TRP A 131 5.61 8.96 -11.13
C TRP A 131 6.41 10.09 -10.52
N ASN A 132 7.31 10.73 -11.28
CA ASN A 132 8.14 11.80 -10.73
C ASN A 132 7.34 13.09 -10.56
N THR A 133 7.70 13.86 -9.54
CA THR A 133 7.11 15.17 -9.28
C THR A 133 7.88 16.26 -10.01
N GLY A 134 7.57 17.52 -9.69
CA GLY A 134 8.33 18.63 -10.20
C GLY A 134 9.58 18.90 -9.40
N ASN A 135 9.73 18.23 -8.26
CA ASN A 135 10.92 18.35 -7.45
C ASN A 135 12.06 17.48 -7.99
N CYS A 136 11.75 16.50 -8.82
CA CYS A 136 12.75 15.55 -9.33
C CYS A 136 13.86 16.25 -10.10
N THR A 137 15.09 16.20 -9.57
CA THR A 137 16.26 16.79 -10.21
C THR A 137 17.32 15.71 -10.27
N ASN A 138 17.88 15.50 -11.45
CA ASN A 138 18.72 14.34 -11.73
C ASN A 138 20.00 14.80 -12.42
N TYR A 139 20.92 13.86 -12.60
CA TYR A 139 22.21 14.17 -13.20
C TYR A 139 22.19 13.89 -14.69
N PHE A 140 23.35 14.09 -15.33
CA PHE A 140 23.46 14.26 -16.78
C PHE A 140 22.65 15.49 -17.18
N SER A 141 22.53 16.38 -16.20
CA SER A 141 21.82 17.65 -16.25
C SER A 141 22.74 18.74 -15.73
N GLU A 142 22.41 19.89 -15.94
CA GLU A 142 23.25 21.07 -15.75
C GLU A 142 23.90 21.00 -14.37
N ASP A 143 25.19 21.38 -14.31
CA ASP A 143 26.05 21.26 -13.13
C ASP A 143 25.70 22.53 -12.33
N ASN A 144 26.48 22.93 -11.31
CA ASN A 144 26.09 24.02 -10.39
C ASN A 144 24.83 23.83 -9.54
N ILE A 145 24.05 22.76 -9.73
CA ILE A 145 22.78 22.65 -9.02
C ILE A 145 22.99 22.78 -7.51
N THR A 146 22.03 23.39 -6.82
CA THR A 146 22.16 23.65 -5.39
C THR A 146 20.88 23.05 -4.78
N TRP A 147 20.81 21.86 -4.22
CA TRP A 147 19.67 21.09 -3.74
C TRP A 147 18.84 21.89 -2.74
N THR A 148 17.53 21.68 -2.80
CA THR A 148 16.55 22.38 -1.99
C THR A 148 15.86 21.42 -1.03
N LEU A 149 15.42 21.96 0.12
CA LEU A 149 14.67 21.16 1.09
C LEU A 149 13.55 20.36 0.45
N HIS A 150 12.90 20.89 -0.58
CA HIS A 150 11.78 20.16 -1.18
C HIS A 150 12.20 19.31 -2.38
N SER A 151 13.42 19.51 -2.89
CA SER A 151 13.88 18.73 -4.04
C SER A 151 14.05 17.27 -3.68
N THR A 152 13.94 16.40 -4.69
CA THR A 152 14.03 14.97 -4.50
C THR A 152 14.72 14.31 -5.69
N SER A 153 15.57 13.32 -5.41
CA SER A 153 16.36 12.58 -6.39
C SER A 153 15.51 11.53 -7.10
N PRO A 154 15.86 11.20 -8.36
CA PRO A 154 15.06 10.21 -9.10
C PRO A 154 15.02 8.82 -8.45
N ALA A 155 16.03 8.46 -7.66
CA ALA A 155 15.99 7.18 -6.97
C ALA A 155 15.04 7.24 -5.78
N GLU A 156 15.09 8.32 -5.02
CA GLU A 156 14.16 8.51 -3.92
C GLU A 156 12.74 8.65 -4.46
N GLU A 157 12.60 9.32 -5.61
CA GLU A 157 11.28 9.44 -6.22
C GLU A 157 10.77 8.08 -6.70
N PHE A 158 11.66 7.25 -7.25
CA PHE A 158 11.25 5.94 -7.74
C PHE A 158 10.85 5.03 -6.58
N TYR A 159 11.68 4.98 -5.54
CA TYR A 159 11.39 4.11 -4.41
C TYR A 159 10.16 4.59 -3.65
N THR A 160 9.95 5.90 -3.59
CA THR A 160 8.87 6.46 -2.79
C THR A 160 7.52 6.36 -3.51
N ARG A 161 7.47 6.79 -4.77
CA ARG A 161 6.20 6.96 -5.46
C ARG A 161 5.81 5.80 -6.36
N HIS A 162 6.67 4.77 -6.49
CA HIS A 162 6.38 3.67 -7.41
C HIS A 162 6.37 2.31 -6.74
N VAL A 163 7.55 1.76 -6.39
CA VAL A 163 7.60 0.41 -5.82
C VAL A 163 6.90 0.38 -4.47
N LEU A 164 6.91 1.49 -3.74
CA LEU A 164 6.22 1.59 -2.46
C LEU A 164 4.88 2.31 -2.58
N GLN A 165 4.86 3.40 -3.35
CA GLN A 165 3.69 4.27 -3.47
C GLN A 165 3.28 4.74 -2.09
N ILE A 166 4.29 5.04 -1.26
CA ILE A 166 4.07 5.38 0.13
C ILE A 166 3.48 6.77 0.27
N HIS A 167 3.54 7.58 -0.79
CA HIS A 167 2.93 8.90 -0.75
C HIS A 167 1.42 8.84 -0.75
N ARG A 168 0.86 7.67 -1.06
CA ARG A 168 -0.57 7.49 -1.17
C ARG A 168 -1.19 7.05 0.15
N SER A 169 -0.37 6.97 1.20
CA SER A 169 -0.79 6.60 2.54
C SER A 169 -0.27 7.62 3.53
N LYS A 170 -1.07 7.88 4.57
CA LYS A 170 -0.70 8.85 5.59
C LYS A 170 0.01 8.27 6.80
N GLY A 171 0.20 6.95 6.87
CA GLY A 171 0.86 6.37 8.02
C GLY A 171 0.23 5.06 8.45
N LEU A 172 0.35 4.71 9.73
CA LEU A 172 -0.27 3.47 10.20
C LEU A 172 -1.78 3.56 10.13
N GLN A 173 -2.34 4.75 10.38
CA GLN A 173 -3.79 4.94 10.34
C GLN A 173 -4.37 4.56 8.98
N ASP A 174 -3.94 5.23 7.92
CA ASP A 174 -4.39 4.93 6.57
C ASP A 174 -3.24 4.44 5.70
N LEU A 175 -3.26 3.15 5.38
CA LEU A 175 -2.22 2.51 4.58
C LEU A 175 -2.74 1.78 3.36
N GLY A 176 -4.02 1.41 3.33
CA GLY A 176 -4.60 0.74 2.18
C GLY A 176 -4.64 1.65 0.96
N GLY A 177 -4.83 1.06 -0.22
CA GLY A 177 -5.03 -0.38 -0.38
C GLY A 177 -3.77 -1.14 -0.69
N ILE A 178 -3.85 -2.12 -1.58
CA ILE A 178 -2.76 -3.06 -1.84
C ILE A 178 -2.15 -2.78 -3.20
N SER A 179 -0.82 -2.81 -3.27
CA SER A 179 -0.07 -2.73 -4.52
C SER A 179 0.05 -4.12 -5.12
N TRP A 180 -0.73 -4.39 -6.19
CA TRP A 180 -0.75 -5.74 -6.75
C TRP A 180 0.60 -6.16 -7.32
N GLN A 181 1.47 -5.22 -7.71
CA GLN A 181 2.78 -5.61 -8.21
C GLN A 181 3.59 -6.30 -7.13
N LEU A 182 3.65 -5.71 -5.94
CA LEU A 182 4.38 -6.34 -4.85
C LEU A 182 3.68 -7.62 -4.40
N ALA A 183 2.37 -7.71 -4.62
CA ALA A 183 1.64 -8.94 -4.30
C ALA A 183 2.04 -10.06 -5.24
N LEU A 184 2.22 -9.73 -6.53
CA LEU A 184 2.68 -10.73 -7.50
C LEU A 184 4.15 -11.08 -7.27
N CYS A 185 4.95 -10.08 -6.90
CA CYS A 185 6.36 -10.33 -6.60
C CYS A 185 6.47 -11.29 -5.42
N ILE A 186 5.79 -10.97 -4.31
CA ILE A 186 5.88 -11.81 -3.12
C ILE A 186 5.17 -13.13 -3.36
N MET A 187 4.23 -13.15 -4.30
CA MET A 187 3.59 -14.41 -4.68
C MET A 187 4.60 -15.31 -5.37
N LEU A 188 5.38 -14.73 -6.29
CA LEU A 188 6.45 -15.47 -6.96
C LEU A 188 7.48 -15.93 -5.95
N ILE A 189 7.72 -15.13 -4.91
CA ILE A 189 8.66 -15.51 -3.86
C ILE A 189 8.12 -16.72 -3.10
N PHE A 190 6.85 -16.67 -2.71
CA PHE A 190 6.23 -17.79 -2.02
C PHE A 190 6.19 -19.02 -2.91
N THR A 191 6.19 -18.83 -4.23
CA THR A 191 6.27 -19.94 -5.16
C THR A 191 7.69 -20.53 -5.16
N VAL A 192 8.71 -19.66 -5.20
CA VAL A 192 10.08 -20.13 -5.30
C VAL A 192 10.53 -20.73 -3.97
N ILE A 193 9.83 -20.41 -2.88
CA ILE A 193 10.10 -21.09 -1.62
C ILE A 193 9.20 -22.32 -1.55
N TYR A 194 8.06 -22.27 -2.24
CA TYR A 194 7.16 -23.42 -2.30
C TYR A 194 7.82 -24.60 -2.97
N PHE A 195 8.54 -24.36 -4.07
CA PHE A 195 9.20 -25.48 -4.75
C PHE A 195 10.55 -25.79 -4.14
N SER A 196 10.92 -25.11 -3.05
CA SER A 196 12.18 -25.34 -2.38
C SER A 196 12.00 -25.83 -0.95
N ILE A 197 10.76 -25.92 -0.47
CA ILE A 197 10.49 -26.32 0.91
C ILE A 197 9.50 -27.48 0.91
N TRP A 198 8.59 -27.49 -0.07
CA TRP A 198 7.45 -28.43 -0.07
C TRP A 198 7.90 -29.88 0.09
N LYS A 199 9.05 -30.23 -0.48
CA LYS A 199 9.55 -31.59 -0.40
C LYS A 199 10.26 -31.84 0.91
N GLY A 200 10.86 -30.82 1.51
CA GLY A 200 11.46 -30.97 2.82
C GLY A 200 12.90 -30.49 2.87
N VAL A 201 13.76 -31.26 3.52
CA VAL A 201 15.13 -30.81 3.68
C VAL A 201 15.93 -31.05 2.41
N LYS A 202 15.52 -32.00 1.58
CA LYS A 202 16.27 -32.31 0.36
C LYS A 202 16.24 -31.14 -0.63
N THR A 203 15.09 -30.50 -0.78
CA THR A 203 15.01 -29.39 -1.72
C THR A 203 15.59 -28.13 -1.11
N SER A 204 15.26 -27.81 0.15
CA SER A 204 15.86 -26.61 0.72
C SER A 204 17.38 -26.76 0.70
N GLY A 205 17.87 -27.93 1.11
CA GLY A 205 19.29 -28.28 1.10
C GLY A 205 19.93 -28.27 -0.27
N LYS A 206 19.14 -28.29 -1.34
CA LYS A 206 19.69 -28.30 -2.70
C LYS A 206 19.61 -26.93 -3.35
N VAL A 207 18.57 -26.18 -3.01
CA VAL A 207 18.43 -24.79 -3.45
C VAL A 207 19.44 -23.94 -2.72
N VAL A 208 19.77 -24.32 -1.47
CA VAL A 208 20.76 -23.60 -0.68
C VAL A 208 22.11 -23.56 -1.37
N TRP A 209 22.45 -24.61 -2.14
CA TRP A 209 23.69 -24.54 -2.92
C TRP A 209 23.78 -23.25 -3.71
N VAL A 210 22.66 -22.78 -4.25
CA VAL A 210 22.64 -21.52 -4.99
C VAL A 210 22.36 -20.33 -4.09
N THR A 211 21.38 -20.44 -3.19
CA THR A 211 20.95 -19.28 -2.41
C THR A 211 21.96 -18.84 -1.37
N ALA A 212 22.98 -19.64 -1.07
CA ALA A 212 23.94 -19.29 -0.02
C ALA A 212 25.32 -18.97 -0.55
N THR A 213 25.62 -19.36 -1.79
CA THR A 213 26.91 -19.15 -2.43
C THR A 213 26.92 -17.93 -3.34
N PHE A 214 25.81 -17.71 -4.06
CA PHE A 214 25.71 -16.56 -4.94
C PHE A 214 25.92 -15.23 -4.24
N PRO A 215 25.39 -14.98 -3.03
CA PRO A 215 25.64 -13.68 -2.41
C PRO A 215 27.11 -13.37 -2.29
N TYR A 216 27.97 -14.37 -2.08
CA TYR A 216 29.40 -14.07 -2.03
C TYR A 216 29.90 -13.67 -3.42
N ILE A 217 29.34 -14.26 -4.46
CA ILE A 217 29.72 -13.90 -5.83
C ILE A 217 29.30 -12.46 -6.15
N ALA A 218 28.04 -12.12 -5.89
CA ALA A 218 27.56 -10.76 -6.17
C ALA A 218 28.30 -9.74 -5.31
N LEU A 219 28.58 -10.11 -4.05
CA LEU A 219 29.34 -9.25 -3.16
C LEU A 219 30.78 -9.12 -3.63
N SER A 220 31.28 -10.16 -4.30
CA SER A 220 32.64 -10.13 -4.85
C SER A 220 32.68 -9.23 -6.08
N VAL A 221 31.66 -9.29 -6.93
CA VAL A 221 31.63 -8.45 -8.12
C VAL A 221 31.48 -6.99 -7.71
N LEU A 222 30.56 -6.72 -6.78
CA LEU A 222 30.40 -5.36 -6.30
C LEU A 222 31.56 -4.95 -5.41
N LEU A 223 32.33 -5.92 -4.90
CA LEU A 223 33.49 -5.62 -4.08
C LEU A 223 34.66 -5.17 -4.94
N VAL A 224 35.01 -5.98 -5.94
CA VAL A 224 36.09 -5.61 -6.84
C VAL A 224 35.66 -4.43 -7.69
N ARG A 225 34.35 -4.26 -7.90
CA ARG A 225 33.86 -3.12 -8.65
C ARG A 225 33.95 -1.85 -7.80
N GLY A 226 33.48 -1.93 -6.56
CA GLY A 226 33.51 -0.80 -5.65
C GLY A 226 34.91 -0.40 -5.24
N ALA A 227 35.85 -1.34 -5.28
CA ALA A 227 37.24 -1.05 -4.90
C ALA A 227 37.94 -0.23 -5.97
N THR A 228 37.60 -0.44 -7.25
CA THR A 228 38.24 0.28 -8.35
C THR A 228 37.66 1.67 -8.56
N LEU A 229 36.62 2.04 -7.82
CA LEU A 229 35.99 3.35 -7.96
C LEU A 229 36.88 4.44 -7.34
N PRO A 230 36.95 5.60 -7.97
CA PRO A 230 37.78 6.70 -7.43
C PRO A 230 37.22 7.30 -6.16
N GLY A 231 38.11 7.53 -5.20
CA GLY A 231 37.72 8.09 -3.91
C GLY A 231 36.89 7.18 -3.04
N ALA A 232 37.10 5.86 -3.14
CA ALA A 232 36.35 4.90 -2.37
C ALA A 232 36.94 4.69 -0.98
N TRP A 233 38.12 5.28 -0.72
CA TRP A 233 38.79 5.14 0.55
C TRP A 233 38.09 5.95 1.64
N ARG A 234 37.20 6.86 1.25
CA ARG A 234 36.48 7.68 2.22
C ARG A 234 35.49 6.81 2.99
N GLY A 235 34.78 5.95 2.26
CA GLY A 235 33.83 5.06 2.90
C GLY A 235 34.54 4.04 3.78
N VAL A 236 35.73 3.62 3.36
CA VAL A 236 36.51 2.67 4.17
C VAL A 236 37.05 3.39 5.41
N LEU A 237 37.49 4.64 5.25
CA LEU A 237 37.93 5.40 6.41
C LEU A 237 36.81 5.55 7.42
N PHE A 238 35.64 6.01 6.96
CA PHE A 238 34.48 6.14 7.85
C PHE A 238 34.01 4.79 8.35
N TYR A 239 34.36 3.72 7.65
CA TYR A 239 33.89 2.38 8.00
C TYR A 239 34.76 1.73 9.06
N LEU A 240 36.07 1.97 9.04
CA LEU A 240 37.00 1.31 9.97
C LEU A 240 37.81 2.29 10.82
N LYS A 241 37.52 3.58 10.81
CA LYS A 241 38.28 4.49 11.66
C LYS A 241 37.97 4.24 13.12
N PRO A 242 38.96 3.88 13.94
CA PRO A 242 38.70 3.57 15.36
C PRO A 242 38.38 4.83 16.15
N ASN A 243 37.24 4.82 16.82
CA ASN A 243 36.84 5.90 17.72
C ASN A 243 36.59 5.25 19.08
N TRP A 244 37.67 4.97 19.79
CA TRP A 244 37.59 4.20 21.04
C TRP A 244 36.77 4.88 22.13
N GLN A 245 36.60 6.20 22.07
CA GLN A 245 35.77 6.89 23.06
C GLN A 245 34.32 6.39 23.03
N LYS A 246 33.80 6.07 21.85
CA LYS A 246 32.44 5.53 21.77
C LYS A 246 32.33 4.19 22.49
N LEU A 247 33.46 3.53 22.74
CA LEU A 247 33.44 2.26 23.46
C LEU A 247 33.17 2.45 24.95
N LEU A 248 33.30 3.69 25.47
CA LEU A 248 33.00 3.96 26.87
C LEU A 248 31.51 4.02 27.14
N GLU A 249 30.72 4.27 26.09
CA GLU A 249 29.26 4.29 26.17
C GLU A 249 28.71 2.90 26.44
N THR A 250 27.82 2.81 27.44
CA THR A 250 27.26 1.52 27.80
C THR A 250 26.27 1.05 26.74
N GLY A 251 25.88 1.95 25.84
CA GLY A 251 25.01 1.56 24.74
C GLY A 251 25.69 0.67 23.71
N VAL A 252 26.95 0.96 23.37
CA VAL A 252 27.55 0.31 22.21
C VAL A 252 27.59 -1.19 22.43
N TRP A 253 27.93 -1.62 23.64
CA TRP A 253 28.03 -3.05 23.92
C TRP A 253 26.68 -3.68 23.69
N ILE A 254 25.63 -2.98 24.10
CA ILE A 254 24.27 -3.47 23.92
C ILE A 254 23.99 -3.66 22.44
N ASP A 255 24.42 -2.69 21.61
CA ASP A 255 24.17 -2.79 20.18
C ASP A 255 24.89 -4.00 19.60
N ALA A 256 26.12 -4.24 20.06
CA ALA A 256 26.91 -5.36 19.57
C ALA A 256 26.28 -6.69 19.96
N ALA A 257 25.85 -6.80 21.21
CA ALA A 257 25.19 -8.01 21.69
C ALA A 257 23.93 -8.29 20.90
N ALA A 258 23.07 -7.30 20.75
CA ALA A 258 21.85 -7.47 19.96
C ALA A 258 22.19 -7.86 18.53
N GLN A 259 23.22 -7.24 17.96
CA GLN A 259 23.61 -7.54 16.58
C GLN A 259 24.02 -9.00 16.43
N ILE A 260 24.97 -9.46 17.25
CA ILE A 260 25.46 -10.83 17.10
C ILE A 260 24.36 -11.83 17.39
N PHE A 261 23.49 -11.54 18.37
CA PHE A 261 22.39 -12.45 18.65
C PHE A 261 21.46 -12.55 17.43
N PHE A 262 20.98 -11.41 16.94
CA PHE A 262 20.01 -11.36 15.86
C PHE A 262 20.65 -11.63 14.50
N SER A 263 21.97 -11.88 14.47
CA SER A 263 22.64 -12.33 13.25
C SER A 263 23.02 -13.80 13.29
N LEU A 264 23.06 -14.39 14.48
CA LEU A 264 23.23 -15.83 14.63
C LEU A 264 21.88 -16.53 14.83
N GLY A 265 20.92 -15.81 15.39
CA GLY A 265 19.57 -16.25 15.66
C GLY A 265 19.39 -17.62 16.29
N PRO A 266 19.96 -17.79 17.49
CA PRO A 266 19.78 -19.05 18.21
C PRO A 266 18.46 -19.08 18.96
N GLY A 267 18.05 -20.29 19.32
CA GLY A 267 16.84 -20.50 20.09
C GLY A 267 15.56 -20.14 19.39
N PHE A 268 15.58 -20.10 18.06
CA PHE A 268 14.40 -19.80 17.26
C PHE A 268 13.79 -21.08 16.70
N GLY A 269 14.43 -22.22 16.92
CA GLY A 269 13.92 -23.49 16.47
C GLY A 269 14.33 -23.83 15.07
N VAL A 270 14.92 -22.88 14.34
CA VAL A 270 15.39 -23.17 12.99
C VAL A 270 16.64 -24.04 13.05
N LEU A 271 17.59 -23.67 13.91
CA LEU A 271 18.78 -24.50 14.11
C LEU A 271 18.39 -25.85 14.68
N LEU A 272 17.38 -25.90 15.54
CA LEU A 272 16.90 -27.19 16.06
C LEU A 272 16.47 -28.10 14.91
N ALA A 273 15.67 -27.56 13.98
CA ALA A 273 15.21 -28.38 12.86
C ALA A 273 16.35 -28.74 11.92
N PHE A 274 17.20 -27.77 11.58
CA PHE A 274 18.34 -28.05 10.71
C PHE A 274 19.31 -29.05 11.34
N ALA A 275 19.40 -29.07 12.67
CA ALA A 275 20.29 -30.01 13.34
C ALA A 275 19.68 -31.38 13.55
N SER A 276 18.35 -31.44 13.58
CA SER A 276 17.63 -32.69 13.83
C SER A 276 17.91 -33.75 12.77
N TYR A 277 18.04 -33.34 11.51
CA TYR A 277 18.20 -34.28 10.42
C TYR A 277 19.69 -34.56 10.12
N ASN A 278 20.42 -34.99 11.15
CA ASN A 278 21.84 -35.27 10.97
C ASN A 278 22.21 -36.54 11.75
N LYS A 279 23.43 -37.00 11.53
CA LYS A 279 23.94 -38.22 12.15
C LYS A 279 24.28 -38.03 13.63
N PHE A 280 23.92 -39.02 14.45
CA PHE A 280 24.24 -38.94 15.87
C PHE A 280 25.75 -39.01 16.09
N ASN A 281 26.45 -39.78 15.26
CA ASN A 281 27.90 -39.91 15.36
C ASN A 281 28.60 -38.67 14.83
N ASN A 282 27.90 -37.91 13.99
CA ASN A 282 28.48 -36.77 13.30
C ASN A 282 28.83 -35.65 14.27
N ASN A 283 30.01 -35.08 14.10
CA ASN A 283 30.43 -33.97 14.93
C ASN A 283 29.63 -32.72 14.59
N CYS A 284 29.42 -31.89 15.61
CA CYS A 284 28.68 -30.64 15.46
C CYS A 284 29.38 -29.46 16.08
N TYR A 285 30.40 -29.69 16.92
CA TYR A 285 31.15 -28.61 17.54
C TYR A 285 31.81 -27.79 16.44
N GLN A 286 32.63 -28.46 15.62
CA GLN A 286 33.26 -27.80 14.48
C GLN A 286 32.22 -27.15 13.58
N ASP A 287 31.10 -27.83 13.34
CA ASP A 287 30.01 -27.27 12.55
C ASP A 287 29.58 -25.90 13.07
N ALA A 288 29.15 -25.82 14.33
CA ALA A 288 28.69 -24.55 14.90
C ALA A 288 29.80 -23.50 14.84
N LEU A 289 31.01 -23.89 15.25
CA LEU A 289 32.17 -22.99 15.26
C LEU A 289 32.38 -22.36 13.89
N VAL A 290 32.62 -23.19 12.87
CA VAL A 290 32.89 -22.66 11.53
C VAL A 290 31.70 -21.85 11.05
N THR A 291 30.46 -22.34 11.28
CA THR A 291 29.32 -21.68 10.67
C THR A 291 29.25 -20.23 11.16
N SER A 292 29.42 -20.06 12.48
CA SER A 292 29.35 -18.71 13.00
C SER A 292 30.49 -17.88 12.41
N VAL A 293 31.71 -18.45 12.35
CA VAL A 293 32.86 -17.66 11.93
C VAL A 293 32.68 -17.21 10.48
N VAL A 294 31.87 -17.94 9.71
CA VAL A 294 31.51 -17.52 8.37
C VAL A 294 30.53 -16.35 8.43
N ASN A 295 29.48 -16.47 9.23
CA ASN A 295 28.53 -15.36 9.31
C ASN A 295 29.18 -14.05 9.74
N CYS A 296 30.10 -14.10 10.73
CA CYS A 296 30.83 -12.91 11.15
C CYS A 296 31.78 -12.38 10.09
N MET A 297 32.62 -13.24 9.50
CA MET A 297 33.55 -12.69 8.52
C MET A 297 32.82 -12.20 7.28
N THR A 298 31.80 -12.94 6.84
CA THR A 298 30.98 -12.51 5.71
C THR A 298 30.43 -11.11 5.94
N SER A 299 29.96 -10.84 7.18
CA SER A 299 29.55 -9.48 7.51
C SER A 299 30.71 -8.50 7.36
N PHE A 300 31.90 -8.89 7.82
CA PHE A 300 33.06 -8.01 7.79
C PHE A 300 33.41 -7.58 6.37
N VAL A 301 33.43 -8.52 5.42
CA VAL A 301 33.73 -8.15 4.04
C VAL A 301 32.56 -7.42 3.40
N SER A 302 31.33 -7.75 3.81
CA SER A 302 30.17 -7.04 3.30
C SER A 302 30.26 -5.56 3.64
N GLY A 303 30.84 -5.24 4.79
CA GLY A 303 31.09 -3.84 5.14
C GLY A 303 31.84 -3.11 4.04
N PHE A 304 32.92 -3.74 3.55
CA PHE A 304 33.66 -3.15 2.43
C PHE A 304 32.77 -3.06 1.20
N VAL A 305 32.03 -4.12 0.89
CA VAL A 305 31.18 -4.09 -0.31
C VAL A 305 30.25 -2.87 -0.30
N ILE A 306 29.70 -2.53 0.88
CA ILE A 306 28.80 -1.38 0.95
C ILE A 306 29.58 -0.08 0.95
N PHE A 307 30.56 0.06 1.86
CA PHE A 307 31.19 1.36 2.08
C PHE A 307 32.18 1.74 1.00
N THR A 308 32.55 0.82 0.11
CA THR A 308 33.34 1.20 -1.06
C THR A 308 32.47 1.99 -2.04
N VAL A 309 31.28 1.46 -2.33
CA VAL A 309 30.36 2.13 -3.23
C VAL A 309 29.84 3.40 -2.57
N LEU A 310 29.63 3.36 -1.25
CA LEU A 310 29.24 4.57 -0.53
C LEU A 310 30.38 5.59 -0.51
N GLY A 311 31.62 5.12 -0.54
CA GLY A 311 32.76 6.03 -0.60
C GLY A 311 32.85 6.71 -1.95
N TYR A 312 32.65 5.94 -3.02
CA TYR A 312 32.60 6.51 -4.35
C TYR A 312 31.44 7.48 -4.49
N MET A 313 30.30 7.13 -3.89
CA MET A 313 29.14 8.02 -3.91
C MET A 313 29.43 9.29 -3.13
N ALA A 314 30.19 9.19 -2.03
CA ALA A 314 30.56 10.36 -1.25
C ALA A 314 31.66 11.16 -1.93
N GLU A 315 32.32 10.58 -2.93
CA GLU A 315 33.34 11.32 -3.66
C GLU A 315 32.68 12.12 -4.77
N MET A 316 31.74 11.50 -5.49
CA MET A 316 31.02 12.24 -6.52
C MET A 316 30.17 13.36 -5.92
N ARG A 317 29.65 13.16 -4.71
CA ARG A 317 28.97 14.22 -3.98
C ARG A 317 30.03 14.97 -3.18
N ASN A 318 29.82 15.24 -1.88
CA ASN A 318 30.89 15.93 -1.14
C ASN A 318 31.13 15.36 0.27
N GLU A 319 31.65 14.13 0.31
CA GLU A 319 32.32 13.57 1.49
C GLU A 319 31.54 13.53 2.80
N ASP A 320 32.28 13.22 3.87
CA ASP A 320 31.75 12.94 5.20
C ASP A 320 30.70 11.84 5.13
N VAL A 321 31.14 10.65 4.73
CA VAL A 321 30.27 9.63 4.14
C VAL A 321 29.05 9.45 5.04
N SER A 322 29.18 9.84 6.32
CA SER A 322 28.08 9.65 7.25
C SER A 322 26.83 10.34 6.72
N GLU A 323 26.98 11.54 6.16
CA GLU A 323 25.83 12.26 5.63
C GLU A 323 25.16 11.48 4.49
N VAL A 324 25.95 10.91 3.57
CA VAL A 324 25.37 10.10 2.52
C VAL A 324 24.94 8.75 3.04
N ALA A 325 25.25 8.44 4.30
CA ALA A 325 24.92 7.18 4.95
C ALA A 325 24.14 7.44 6.23
N LYS A 326 23.39 8.55 6.27
CA LYS A 326 22.57 8.85 7.44
C LYS A 326 21.51 7.80 7.68
N ASP A 327 20.61 7.64 6.72
CA ASP A 327 19.49 6.73 6.85
C ASP A 327 19.90 5.27 6.70
N ALA A 328 19.60 4.48 7.72
CA ALA A 328 19.84 3.04 7.71
C ALA A 328 18.48 2.38 7.56
N GLY A 329 18.40 1.40 6.68
CA GLY A 329 17.16 0.70 6.44
C GLY A 329 17.04 0.30 4.99
N PRO A 330 15.85 0.40 4.42
CA PRO A 330 15.69 0.04 3.00
C PRO A 330 16.26 1.10 2.07
N SER A 331 16.42 2.33 2.54
CA SER A 331 16.90 3.41 1.70
C SER A 331 18.40 3.35 1.44
N LEU A 332 19.17 2.71 2.32
CA LEU A 332 20.61 2.64 2.10
C LEU A 332 20.93 1.75 0.90
N LEU A 333 20.15 0.70 0.68
CA LEU A 333 20.39 -0.22 -0.42
C LEU A 333 19.53 0.10 -1.64
N PHE A 334 18.27 0.48 -1.43
CA PHE A 334 17.36 0.67 -2.56
C PHE A 334 17.49 2.05 -3.21
N ILE A 335 18.00 3.05 -2.49
CA ILE A 335 18.13 4.39 -3.06
C ILE A 335 19.61 4.75 -3.23
N THR A 336 20.31 4.93 -2.11
CA THR A 336 21.70 5.37 -2.18
C THR A 336 22.57 4.39 -2.97
N TYR A 337 22.48 3.11 -2.64
CA TYR A 337 23.33 2.13 -3.33
C TYR A 337 22.92 1.97 -4.78
N ALA A 338 21.62 2.03 -5.07
CA ALA A 338 21.14 1.91 -6.44
C ALA A 338 21.54 3.12 -7.27
N GLU A 339 21.36 4.32 -6.70
CA GLU A 339 21.78 5.55 -7.36
C GLU A 339 23.29 5.58 -7.53
N ALA A 340 24.00 4.90 -6.63
CA ALA A 340 25.45 4.83 -6.72
C ALA A 340 25.88 3.94 -7.88
N ILE A 341 25.26 2.76 -8.00
CA ILE A 341 25.57 1.82 -9.08
C ILE A 341 25.00 2.26 -10.41
N ALA A 342 24.14 3.29 -10.42
CA ALA A 342 23.58 3.80 -11.67
C ALA A 342 24.63 4.50 -12.53
N ASN A 343 25.61 5.17 -11.91
CA ASN A 343 26.63 5.91 -12.63
C ASN A 343 27.84 5.04 -13.00
N MET A 344 27.65 3.73 -13.09
CA MET A 344 28.73 2.82 -13.41
C MET A 344 28.52 2.13 -14.76
N PRO A 345 29.60 1.78 -15.46
CA PRO A 345 29.49 1.08 -16.75
C PRO A 345 28.78 -0.26 -16.65
N ALA A 346 27.96 -0.57 -17.65
CA ALA A 346 27.15 -1.78 -17.66
C ALA A 346 26.29 -1.88 -16.40
N SER A 347 25.55 -0.81 -16.14
CA SER A 347 24.77 -0.71 -14.90
C SER A 347 23.69 -1.79 -14.83
N THR A 348 23.21 -2.28 -15.97
CA THR A 348 22.21 -3.34 -15.95
C THR A 348 22.75 -4.57 -15.23
N PHE A 349 24.02 -4.91 -15.47
CA PHE A 349 24.67 -6.03 -14.83
C PHE A 349 24.68 -5.90 -13.31
N PHE A 350 25.32 -4.85 -12.80
CA PHE A 350 25.46 -4.67 -11.35
C PHE A 350 24.10 -4.50 -10.68
N ALA A 351 23.14 -3.93 -11.37
CA ALA A 351 21.78 -3.80 -10.83
C ALA A 351 21.14 -5.17 -10.68
N ILE A 352 21.17 -5.96 -11.76
CA ILE A 352 20.56 -7.30 -11.74
C ILE A 352 21.18 -8.16 -10.64
N ILE A 353 22.51 -8.18 -10.56
CA ILE A 353 23.13 -9.02 -9.53
C ILE A 353 22.95 -8.42 -8.15
N PHE A 354 22.69 -7.12 -8.04
CA PHE A 354 22.51 -6.52 -6.73
C PHE A 354 21.14 -6.89 -6.15
N PHE A 355 20.05 -6.54 -6.85
CA PHE A 355 18.72 -6.90 -6.34
C PHE A 355 18.50 -8.41 -6.36
N LEU A 356 19.04 -9.09 -7.38
CA LEU A 356 19.01 -10.55 -7.37
C LEU A 356 19.75 -11.07 -6.16
N MET A 357 20.82 -10.39 -5.77
CA MET A 357 21.58 -10.77 -4.57
C MET A 357 20.71 -10.58 -3.33
N LEU A 358 19.92 -9.52 -3.30
CA LEU A 358 19.02 -9.30 -2.17
C LEU A 358 18.04 -10.46 -2.03
N ILE A 359 17.35 -10.81 -3.13
CA ILE A 359 16.42 -11.93 -3.08
C ILE A 359 17.15 -13.21 -2.68
N THR A 360 18.36 -13.39 -3.20
CA THR A 360 19.17 -14.57 -2.92
C THR A 360 19.58 -14.63 -1.46
N LEU A 361 19.68 -13.47 -0.82
CA LEU A 361 20.01 -13.41 0.59
C LEU A 361 18.82 -13.77 1.45
N GLY A 362 17.64 -13.27 1.09
CA GLY A 362 16.45 -13.57 1.87
C GLY A 362 15.95 -15.00 1.70
N LEU A 363 16.13 -15.58 0.51
CA LEU A 363 15.58 -16.89 0.17
C LEU A 363 16.02 -17.99 1.14
N ASP A 364 17.33 -18.18 1.30
CA ASP A 364 17.81 -19.26 2.16
C ASP A 364 17.35 -19.08 3.60
N SER A 365 17.49 -17.87 4.13
CA SER A 365 17.04 -17.58 5.48
C SER A 365 15.56 -17.91 5.67
N THR A 366 14.71 -17.53 4.71
CA THR A 366 13.27 -17.80 4.89
C THR A 366 12.96 -19.29 4.69
N PHE A 367 13.71 -19.98 3.83
CA PHE A 367 13.67 -21.45 3.80
C PHE A 367 13.82 -22.01 5.21
N ALA A 368 14.90 -21.64 5.89
CA ALA A 368 15.14 -22.18 7.22
C ALA A 368 14.07 -21.74 8.22
N GLY A 369 13.67 -20.48 8.13
CA GLY A 369 12.62 -19.95 8.99
C GLY A 369 11.37 -20.80 8.96
N LEU A 370 10.89 -21.11 7.76
CA LEU A 370 9.73 -21.98 7.63
C LEU A 370 10.06 -23.39 8.08
N GLU A 371 11.27 -23.87 7.75
CA GLU A 371 11.68 -25.23 8.04
C GLU A 371 11.51 -25.57 9.52
N GLY A 372 11.88 -24.64 10.41
CA GLY A 372 11.73 -24.89 11.84
C GLY A 372 10.29 -25.12 12.28
N VAL A 373 9.39 -24.24 11.84
CA VAL A 373 7.98 -24.36 12.21
C VAL A 373 7.36 -25.62 11.63
N ILE A 374 7.64 -25.90 10.35
CA ILE A 374 7.10 -27.09 9.70
C ILE A 374 7.50 -28.34 10.47
N THR A 375 8.80 -28.44 10.79
CA THR A 375 9.27 -29.58 11.58
C THR A 375 8.55 -29.66 12.93
N ALA A 376 8.38 -28.51 13.59
CA ALA A 376 7.71 -28.50 14.89
C ALA A 376 6.28 -29.06 14.83
N VAL A 377 5.47 -28.57 13.89
CA VAL A 377 4.08 -29.03 13.84
C VAL A 377 3.99 -30.48 13.38
N LEU A 378 4.82 -30.89 12.40
CA LEU A 378 4.77 -32.28 11.97
C LEU A 378 5.16 -33.24 13.08
N ASP A 379 6.18 -32.90 13.88
CA ASP A 379 6.59 -33.75 14.98
C ASP A 379 5.63 -33.69 16.18
N GLU A 380 4.89 -32.59 16.35
CA GLU A 380 3.96 -32.49 17.47
C GLU A 380 2.63 -33.18 17.22
N PHE A 381 2.15 -33.25 15.97
CA PHE A 381 0.89 -33.90 15.65
C PHE A 381 1.11 -35.00 14.61
N PRO A 382 1.94 -36.00 14.92
CA PRO A 382 2.24 -37.04 13.94
C PRO A 382 1.02 -37.89 13.68
N HIS A 383 0.97 -38.45 12.47
CA HIS A 383 -0.07 -39.39 12.04
C HIS A 383 -1.35 -38.58 11.86
N VAL A 384 -1.72 -37.80 12.88
CA VAL A 384 -2.80 -36.83 12.71
C VAL A 384 -2.38 -35.85 11.61
N TRP A 385 -1.06 -35.74 11.40
CA TRP A 385 -0.41 -34.95 10.38
C TRP A 385 0.69 -35.82 9.81
N ALA A 386 1.27 -35.37 8.71
CA ALA A 386 2.33 -35.99 7.89
C ALA A 386 1.63 -36.79 6.81
N LYS A 387 0.30 -36.83 6.85
CA LYS A 387 -0.52 -37.40 5.77
C LYS A 387 -0.03 -36.93 4.40
N ARG A 388 0.23 -35.64 4.27
CA ARG A 388 1.05 -35.12 3.18
C ARG A 388 1.81 -33.91 3.71
N ARG A 389 3.01 -33.69 3.17
CA ARG A 389 3.73 -32.49 3.58
C ARG A 389 3.32 -31.28 2.76
N GLU A 390 2.98 -31.49 1.48
CA GLU A 390 2.56 -30.38 0.63
C GLU A 390 1.30 -29.71 1.13
N ARG A 391 0.50 -30.41 1.94
CA ARG A 391 -0.71 -29.82 2.49
C ARG A 391 -0.37 -28.78 3.55
N PHE A 392 0.39 -29.18 4.57
CA PHE A 392 0.78 -28.26 5.64
C PHE A 392 1.70 -27.16 5.11
N VAL A 393 2.66 -27.50 4.24
CA VAL A 393 3.54 -26.50 3.65
C VAL A 393 2.74 -25.48 2.83
N LEU A 394 1.80 -25.96 2.01
CA LEU A 394 0.95 -25.06 1.24
C LEU A 394 0.17 -24.14 2.18
N ALA A 395 -0.33 -24.70 3.29
CA ALA A 395 -1.09 -23.92 4.26
C ALA A 395 -0.25 -22.78 4.82
N VAL A 396 0.95 -23.09 5.32
CA VAL A 396 1.77 -22.04 5.93
C VAL A 396 2.21 -21.01 4.89
N VAL A 397 2.42 -21.42 3.63
CA VAL A 397 2.86 -20.47 2.62
C VAL A 397 1.74 -19.48 2.26
N ILE A 398 0.55 -19.99 1.97
CA ILE A 398 -0.55 -19.09 1.65
C ILE A 398 -0.92 -18.25 2.88
N THR A 399 -0.72 -18.80 4.07
CA THR A 399 -0.91 -18.03 5.30
C THR A 399 0.06 -16.86 5.35
N CYS A 400 1.31 -17.07 4.90
CA CYS A 400 2.27 -15.98 4.88
C CYS A 400 1.90 -14.93 3.83
N PHE A 401 1.22 -15.33 2.75
CA PHE A 401 0.77 -14.34 1.78
C PHE A 401 -0.31 -13.45 2.38
N PHE A 402 -1.33 -14.07 2.97
CA PHE A 402 -2.39 -13.31 3.63
C PHE A 402 -1.81 -12.47 4.78
N GLY A 403 -0.72 -12.93 5.40
CA GLY A 403 -0.07 -12.14 6.44
C GLY A 403 0.64 -10.94 5.87
N SER A 404 1.14 -11.06 4.64
CA SER A 404 1.86 -9.97 3.99
C SER A 404 0.92 -9.01 3.29
N LEU A 405 -0.37 -9.34 3.20
CA LEU A 405 -1.32 -8.42 2.58
C LEU A 405 -1.38 -7.09 3.31
N VAL A 406 -1.08 -7.07 4.62
CA VAL A 406 -1.04 -5.81 5.37
C VAL A 406 0.22 -5.05 4.98
N THR A 407 1.23 -5.77 4.48
CA THR A 407 2.51 -5.20 4.14
C THR A 407 2.58 -4.81 2.68
N LEU A 408 1.68 -5.36 1.87
CA LEU A 408 1.65 -5.06 0.46
C LEU A 408 0.92 -3.75 0.19
N THR A 409 0.48 -3.08 1.25
CA THR A 409 -0.23 -1.83 1.12
C THR A 409 0.72 -0.68 0.80
N PHE A 410 0.14 0.49 0.57
CA PHE A 410 0.95 1.67 0.28
C PHE A 410 1.83 2.02 1.47
N GLY A 411 1.23 2.12 2.66
CA GLY A 411 1.96 2.37 3.87
C GLY A 411 2.53 1.09 4.46
N GLY A 412 2.57 0.04 3.64
CA GLY A 412 3.10 -1.21 4.13
C GLY A 412 4.47 -1.05 4.74
N ALA A 413 5.33 -0.27 4.09
CA ALA A 413 6.66 0.00 4.63
C ALA A 413 6.58 0.45 6.08
N TYR A 414 5.64 1.36 6.38
CA TYR A 414 5.42 1.79 7.75
C TYR A 414 5.25 0.59 8.67
N VAL A 415 4.29 -0.28 8.33
CA VAL A 415 4.04 -1.49 9.10
C VAL A 415 5.29 -2.34 9.20
N VAL A 416 6.07 -2.43 8.11
CA VAL A 416 7.30 -3.24 8.15
C VAL A 416 8.17 -2.82 9.31
N LYS A 417 8.27 -1.51 9.55
CA LYS A 417 9.12 -1.06 10.64
C LYS A 417 8.47 -1.43 11.95
N LEU A 418 7.17 -1.17 12.06
CA LEU A 418 6.47 -1.45 13.30
C LEU A 418 6.63 -2.91 13.66
N LEU A 419 6.68 -3.79 12.65
CA LEU A 419 6.82 -5.23 12.89
C LEU A 419 8.27 -5.63 13.09
N GLU A 420 9.20 -4.85 12.53
CA GLU A 420 10.61 -5.18 12.57
C GLU A 420 11.25 -4.83 13.90
N GLU A 421 10.75 -3.78 14.54
CA GLU A 421 11.29 -3.25 15.78
C GLU A 421 10.54 -3.76 17.02
N TYR A 422 9.23 -3.59 17.03
CA TYR A 422 8.42 -3.88 18.20
C TYR A 422 8.15 -5.38 18.42
N ALA A 423 7.69 -6.08 17.40
CA ALA A 423 7.24 -7.46 17.60
C ALA A 423 8.37 -8.44 17.87
N THR A 424 9.30 -8.61 16.93
CA THR A 424 10.25 -9.72 17.04
C THR A 424 11.21 -9.60 18.21
N GLY A 425 11.85 -8.44 18.40
CA GLY A 425 13.06 -8.42 19.20
C GLY A 425 12.93 -8.78 20.68
N PRO A 426 11.99 -8.17 21.41
CA PRO A 426 11.89 -8.51 22.84
C PRO A 426 11.45 -9.95 23.05
N ALA A 427 10.48 -10.42 22.27
CA ALA A 427 9.92 -11.75 22.49
C ALA A 427 10.98 -12.80 22.17
N VAL A 428 11.67 -12.64 21.04
CA VAL A 428 12.69 -13.62 20.67
C VAL A 428 13.76 -13.65 21.75
N LEU A 429 14.18 -12.47 22.22
CA LEU A 429 15.17 -12.45 23.29
C LEU A 429 14.66 -13.21 24.51
N THR A 430 13.37 -13.04 24.83
CA THR A 430 12.77 -13.67 26.01
C THR A 430 12.77 -15.18 25.87
N VAL A 431 12.31 -15.69 24.72
CA VAL A 431 12.21 -17.13 24.51
C VAL A 431 13.60 -17.73 24.43
N ALA A 432 14.58 -16.97 23.93
CA ALA A 432 15.94 -17.47 23.95
C ALA A 432 16.45 -17.57 25.39
N LEU A 433 16.09 -16.60 26.23
CA LEU A 433 16.49 -16.65 27.63
C LEU A 433 15.86 -17.82 28.35
N ILE A 434 14.53 -17.96 28.23
CA ILE A 434 13.82 -19.04 28.90
C ILE A 434 14.29 -20.39 28.38
N GLU A 435 14.52 -20.50 27.08
CA GLU A 435 15.03 -21.74 26.49
C GLU A 435 16.40 -22.08 27.05
N ALA A 436 17.32 -21.12 27.03
CA ALA A 436 18.67 -21.35 27.53
C ALA A 436 18.65 -21.73 29.01
N VAL A 437 17.85 -21.02 29.79
CA VAL A 437 17.72 -21.32 31.22
C VAL A 437 17.13 -22.71 31.43
N ALA A 438 16.20 -23.12 30.55
CA ALA A 438 15.56 -24.42 30.73
C ALA A 438 16.50 -25.55 30.36
N VAL A 439 17.40 -25.34 29.39
CA VAL A 439 18.32 -26.41 29.02
C VAL A 439 19.50 -26.44 29.99
N SER A 440 19.94 -25.28 30.47
CA SER A 440 21.12 -25.19 31.33
C SER A 440 20.79 -25.42 32.79
N TRP A 441 19.61 -25.03 33.25
CA TRP A 441 19.26 -25.09 34.67
C TRP A 441 18.26 -26.19 35.00
N PHE A 442 17.16 -26.32 34.24
CA PHE A 442 16.14 -27.32 34.54
C PHE A 442 16.60 -28.73 34.18
N TYR A 443 16.96 -28.92 32.91
CA TYR A 443 17.43 -30.22 32.43
C TYR A 443 18.79 -30.54 33.04
N GLY A 444 19.49 -29.52 33.52
CA GLY A 444 20.81 -29.69 34.09
C GLY A 444 21.89 -29.67 33.03
N ILE A 445 22.84 -28.75 33.19
CA ILE A 445 23.90 -28.62 32.22
C ILE A 445 24.83 -29.81 32.33
N THR A 446 24.81 -30.48 33.48
CA THR A 446 25.62 -31.68 33.67
C THR A 446 25.14 -32.77 32.73
N GLN A 447 23.83 -33.04 32.73
CA GLN A 447 23.28 -34.06 31.85
C GLN A 447 23.43 -33.63 30.39
N PHE A 448 23.46 -32.31 30.13
CA PHE A 448 23.71 -31.84 28.78
C PHE A 448 25.14 -32.15 28.36
N CYS A 449 26.10 -31.96 29.27
CA CYS A 449 27.48 -32.30 28.97
C CYS A 449 27.63 -33.80 28.81
N ARG A 450 26.73 -34.57 29.44
CA ARG A 450 26.72 -36.01 29.26
C ARG A 450 26.13 -36.36 27.90
N ASP A 451 25.16 -35.57 27.44
CA ASP A 451 24.55 -35.78 26.12
C ASP A 451 25.53 -35.45 25.01
N VAL A 452 26.28 -34.35 25.14
CA VAL A 452 27.32 -34.01 24.17
C VAL A 452 28.45 -35.01 24.29
N LYS A 453 28.72 -35.48 25.52
CA LYS A 453 29.77 -36.46 25.76
C LYS A 453 29.42 -37.79 25.10
N GLU A 454 28.13 -38.05 24.94
CA GLU A 454 27.63 -39.23 24.25
C GLU A 454 27.51 -38.93 22.76
N MET A 455 27.47 -37.64 22.42
CA MET A 455 27.29 -37.19 21.04
C MET A 455 28.60 -37.18 20.26
N LEU A 456 29.55 -36.38 20.74
CA LEU A 456 30.84 -36.22 20.08
C LEU A 456 31.91 -37.15 20.64
N GLY A 457 31.67 -37.75 21.80
CA GLY A 457 32.62 -38.63 22.43
C GLY A 457 33.36 -37.99 23.59
N PHE A 458 33.26 -36.67 23.73
CA PHE A 458 33.95 -35.96 24.80
C PHE A 458 33.02 -34.91 25.40
N SER A 459 33.18 -34.69 26.71
CA SER A 459 32.40 -33.68 27.42
C SER A 459 32.84 -32.27 27.03
N PRO A 460 31.90 -31.34 26.84
CA PRO A 460 32.28 -29.97 26.49
C PRO A 460 33.08 -29.31 27.60
N GLY A 461 33.99 -28.44 27.19
CA GLY A 461 34.91 -27.77 28.10
C GLY A 461 34.20 -26.97 29.18
N TRP A 462 34.98 -26.60 30.20
CA TRP A 462 34.43 -25.82 31.31
C TRP A 462 34.00 -24.44 30.82
N PHE A 463 34.55 -24.00 29.69
CA PHE A 463 34.16 -22.74 29.10
C PHE A 463 32.70 -22.79 28.64
N TRP A 464 32.34 -23.82 27.87
CA TRP A 464 30.96 -23.97 27.44
C TRP A 464 30.03 -24.14 28.64
N ARG A 465 30.52 -24.84 29.68
CA ARG A 465 29.70 -25.03 30.87
C ARG A 465 29.37 -23.70 31.53
N ILE A 466 30.39 -22.89 31.83
CA ILE A 466 30.13 -21.61 32.50
C ILE A 466 29.39 -20.64 31.58
N CYS A 467 29.56 -20.77 30.26
CA CYS A 467 28.81 -19.92 29.34
C CYS A 467 27.33 -20.26 29.38
N TRP A 468 26.99 -21.55 29.40
CA TRP A 468 25.59 -21.95 29.41
C TRP A 468 24.96 -21.68 30.77
N VAL A 469 25.71 -21.91 31.85
CA VAL A 469 25.16 -21.72 33.19
C VAL A 469 24.92 -20.25 33.49
N ALA A 470 25.89 -19.39 33.18
CA ALA A 470 25.80 -18.00 33.60
C ALA A 470 25.90 -17.02 32.43
N ILE A 471 26.99 -17.05 31.67
CA ILE A 471 27.32 -15.97 30.74
C ILE A 471 26.23 -15.78 29.68
N SER A 472 25.65 -16.88 29.18
CA SER A 472 24.67 -16.72 28.10
C SER A 472 23.30 -16.22 28.56
N PRO A 473 22.70 -16.75 29.63
CA PRO A 473 21.43 -16.14 30.08
C PRO A 473 21.60 -14.71 30.56
N LEU A 474 22.78 -14.35 31.05
CA LEU A 474 23.05 -12.96 31.37
C LEU A 474 23.21 -12.14 30.10
N PHE A 475 23.74 -12.78 29.05
CA PHE A 475 23.90 -12.11 27.76
C PHE A 475 22.55 -11.74 27.18
N LEU A 476 21.58 -12.65 27.29
CA LEU A 476 20.24 -12.35 26.78
C LEU A 476 19.51 -11.40 27.73
N LEU A 477 19.72 -11.58 29.03
CA LEU A 477 19.10 -10.72 30.04
C LEU A 477 19.52 -9.26 29.85
N PHE A 478 20.78 -9.06 29.47
CA PHE A 478 21.31 -7.72 29.23
C PHE A 478 20.50 -7.00 28.16
N ILE A 479 20.32 -7.65 27.01
CA ILE A 479 19.61 -7.03 25.90
C ILE A 479 18.13 -6.88 26.22
N ILE A 480 17.57 -7.81 27.00
CA ILE A 480 16.17 -7.71 27.41
C ILE A 480 15.95 -6.45 28.26
N ALA A 481 16.71 -6.31 29.35
CA ALA A 481 16.56 -5.15 30.23
C ALA A 481 16.82 -3.84 29.48
N SER A 482 17.91 -3.80 28.70
CA SER A 482 18.25 -2.57 27.99
C SER A 482 17.19 -2.21 26.96
N PHE A 483 16.52 -3.22 26.41
CA PHE A 483 15.46 -2.97 25.43
C PHE A 483 14.22 -2.45 26.12
N LEU A 484 13.72 -3.16 27.13
CA LEU A 484 12.51 -2.74 27.81
C LEU A 484 12.68 -1.34 28.40
N MET A 485 13.87 -1.04 28.96
CA MET A 485 14.05 0.25 29.61
C MET A 485 13.93 1.41 28.62
N SER A 486 14.43 1.25 27.40
CA SER A 486 14.46 2.36 26.44
C SER A 486 13.89 1.94 25.09
N PRO A 487 12.59 1.68 25.00
CA PRO A 487 12.00 1.36 23.71
C PRO A 487 12.15 2.55 22.78
N PRO A 488 12.25 2.32 21.49
CA PRO A 488 12.70 3.39 20.62
C PRO A 488 11.55 4.09 19.91
N GLN A 489 11.55 5.43 19.92
CA GLN A 489 10.72 6.18 19.01
C GLN A 489 11.32 6.06 17.63
N LEU A 490 10.49 5.78 16.63
CA LEU A 490 10.96 5.49 15.29
C LEU A 490 10.25 6.37 14.27
N ARG A 491 11.00 6.72 13.23
CA ARG A 491 10.50 7.59 12.18
C ARG A 491 10.96 6.98 10.86
N LEU A 492 10.15 7.20 9.82
CA LEU A 492 10.47 6.71 8.49
C LEU A 492 9.93 7.68 7.45
N PHE A 493 10.80 8.14 6.54
CA PHE A 493 10.39 8.96 5.41
C PHE A 493 9.62 10.19 5.87
N GLN A 494 10.31 11.02 6.66
CA GLN A 494 9.77 12.28 7.17
C GLN A 494 8.42 12.08 7.87
N TYR A 495 8.24 10.94 8.55
CA TYR A 495 7.00 10.66 9.25
C TYR A 495 7.30 9.97 10.57
N ASN A 496 7.07 10.68 11.68
CA ASN A 496 7.26 10.12 13.00
C ASN A 496 6.06 9.26 13.36
N TYR A 497 6.32 8.05 13.84
CA TYR A 497 5.22 7.16 14.21
C TYR A 497 4.46 7.74 15.40
N PRO A 498 3.15 7.54 15.43
CA PRO A 498 2.34 8.04 16.54
C PRO A 498 2.80 7.49 17.88
N TYR A 499 2.50 8.26 18.94
CA TYR A 499 2.88 7.87 20.29
C TYR A 499 2.37 6.50 20.65
N TRP A 500 1.21 6.12 20.09
CA TRP A 500 0.53 4.89 20.47
C TRP A 500 1.11 3.66 19.76
N SER A 501 1.98 3.86 18.77
CA SER A 501 2.54 2.75 18.01
C SER A 501 3.12 1.69 18.95
N ILE A 502 3.88 2.12 19.97
CA ILE A 502 4.48 1.16 20.90
C ILE A 502 3.40 0.29 21.52
N ILE A 503 2.28 0.88 21.93
CA ILE A 503 1.15 0.09 22.43
C ILE A 503 0.81 -1.00 21.43
N LEU A 504 0.49 -0.58 20.20
CA LEU A 504 0.24 -1.54 19.13
C LEU A 504 1.40 -2.53 19.06
N GLY A 505 2.63 -2.00 19.01
CA GLY A 505 3.78 -2.87 18.97
C GLY A 505 3.79 -3.86 20.13
N TYR A 506 3.54 -3.36 21.35
CA TYR A 506 3.54 -4.28 22.48
C TYR A 506 2.50 -5.35 22.32
N ALA A 507 1.33 -5.00 21.77
CA ALA A 507 0.35 -6.03 21.48
C ALA A 507 0.97 -7.08 20.57
N ILE A 508 1.52 -6.64 19.45
CA ILE A 508 2.15 -7.58 18.53
C ILE A 508 3.37 -8.24 19.18
N GLY A 509 3.95 -7.61 20.21
CA GLY A 509 5.06 -8.24 20.89
C GLY A 509 4.65 -9.24 21.94
N THR A 510 3.45 -9.08 22.51
CA THR A 510 3.00 -9.95 23.59
C THR A 510 1.93 -10.93 23.14
N SER A 511 1.21 -10.63 22.04
CA SER A 511 0.16 -11.52 21.55
C SER A 511 0.75 -12.86 21.15
N SER A 512 2.07 -12.93 21.01
CA SER A 512 2.80 -14.13 20.68
C SER A 512 3.39 -14.79 21.92
N PHE A 513 3.53 -14.01 23.00
CA PHE A 513 4.14 -14.44 24.25
C PHE A 513 3.12 -15.05 25.21
N ILE A 514 1.83 -14.75 25.03
CA ILE A 514 0.79 -15.16 25.97
C ILE A 514 0.71 -16.68 26.11
N CYS A 515 1.30 -17.41 25.17
CA CYS A 515 1.12 -18.86 25.14
C CYS A 515 1.96 -19.57 26.18
N ILE A 516 3.11 -19.02 26.60
CA ILE A 516 3.93 -19.79 27.53
C ILE A 516 3.44 -19.67 28.97
N PRO A 517 2.96 -18.50 29.50
CA PRO A 517 2.47 -18.53 30.88
C PRO A 517 1.09 -19.18 30.92
N THR A 518 0.35 -19.06 29.82
CA THR A 518 -0.95 -19.71 29.75
C THR A 518 -0.81 -21.20 29.50
N TYR A 519 0.29 -21.64 28.88
CA TYR A 519 0.53 -23.07 28.76
C TYR A 519 1.05 -23.63 30.07
N ILE A 520 1.85 -22.85 30.80
CA ILE A 520 2.24 -23.32 32.13
C ILE A 520 0.99 -23.43 32.98
N ALA A 521 0.08 -22.49 32.79
CA ALA A 521 -1.20 -22.54 33.49
C ALA A 521 -2.03 -23.70 32.98
N TYR A 522 -1.92 -24.03 31.68
CA TYR A 522 -2.69 -25.15 31.13
C TYR A 522 -2.16 -26.49 31.65
N ARG A 523 -0.84 -26.65 31.71
CA ARG A 523 -0.23 -27.88 32.20
C ARG A 523 -0.47 -28.04 33.69
N LEU A 524 -0.07 -27.04 34.47
CA LEU A 524 -0.25 -27.08 35.92
C LEU A 524 -1.72 -27.04 36.32
N ILE A 525 -2.56 -26.51 35.44
CA ILE A 525 -4.01 -26.43 35.65
C ILE A 525 -4.70 -27.72 35.24
N ILE A 526 -4.11 -28.49 34.31
CA ILE A 526 -4.76 -29.70 33.84
C ILE A 526 -4.38 -30.92 34.67
N THR A 527 -3.16 -31.11 35.13
CA THR A 527 -3.05 -32.37 35.84
C THR A 527 -3.23 -32.19 37.35
N PRO A 528 -4.26 -32.81 37.95
CA PRO A 528 -4.46 -32.69 39.40
C PRO A 528 -3.39 -33.45 40.18
N GLY A 529 -3.02 -32.88 41.33
CA GLY A 529 -2.06 -33.41 42.27
C GLY A 529 -1.85 -32.20 43.13
N THR A 530 -0.70 -32.01 43.79
CA THR A 530 -0.61 -30.77 44.53
C THR A 530 0.22 -29.84 43.64
N PHE A 531 0.42 -28.61 44.08
CA PHE A 531 1.22 -27.70 43.26
C PHE A 531 2.66 -28.17 43.23
N LYS A 532 3.16 -28.66 44.36
CA LYS A 532 4.54 -29.14 44.45
C LYS A 532 4.70 -30.48 43.76
N GLU A 533 3.64 -31.29 43.77
CA GLU A 533 3.65 -32.61 43.14
C GLU A 533 3.53 -32.49 41.62
N ARG A 534 2.56 -31.69 41.16
CA ARG A 534 2.34 -31.52 39.73
C ARG A 534 3.47 -30.75 39.04
N ILE A 535 4.09 -29.79 39.74
CA ILE A 535 5.18 -29.10 39.07
C ILE A 535 6.46 -29.94 39.11
N ILE A 536 6.56 -30.89 40.04
CA ILE A 536 7.73 -31.76 40.08
C ILE A 536 7.59 -32.84 39.01
N LYS A 537 6.37 -33.29 38.75
CA LYS A 537 6.19 -34.26 37.68
C LYS A 537 6.16 -33.55 36.32
N SER A 538 5.91 -32.24 36.32
CA SER A 538 5.90 -31.46 35.09
C SER A 538 7.25 -30.85 34.74
N ILE A 539 8.17 -30.76 35.69
CA ILE A 539 9.52 -30.30 35.35
C ILE A 539 10.42 -31.47 34.93
N THR A 540 10.21 -32.66 35.49
CA THR A 540 11.01 -33.81 35.08
C THR A 540 10.48 -34.40 33.78
N PRO A 541 11.35 -34.69 32.81
CA PRO A 541 10.89 -35.22 31.51
C PRO A 541 10.39 -36.65 31.65
N GLU A 542 9.98 -37.27 30.54
CA GLU A 542 9.56 -38.65 30.61
C GLU A 542 10.73 -39.50 31.08
N THR A 543 10.49 -40.42 32.04
CA THR A 543 11.54 -41.37 32.39
C THR A 543 11.79 -42.40 31.29
N PRO A 544 10.76 -43.05 30.69
CA PRO A 544 11.04 -43.97 29.59
C PRO A 544 11.31 -43.27 28.27
N GLU B 1 0.62 18.44 -1.99
CA GLU B 1 1.43 19.21 -2.93
C GLU B 1 0.73 20.53 -3.29
N VAL B 2 0.61 20.78 -4.59
CA VAL B 2 -0.04 22.00 -5.08
C VAL B 2 -1.55 21.84 -4.93
N GLN B 3 -2.15 22.71 -4.12
CA GLN B 3 -3.59 22.65 -3.90
C GLN B 3 -4.22 24.02 -4.08
N LEU B 4 -5.35 24.06 -4.78
CA LEU B 4 -6.16 25.26 -4.96
C LEU B 4 -7.53 25.00 -4.35
N GLN B 5 -7.72 25.38 -3.09
CA GLN B 5 -8.98 25.12 -2.39
C GLN B 5 -9.92 26.31 -2.61
N GLN B 6 -10.98 26.11 -3.39
CA GLN B 6 -11.94 27.19 -3.65
C GLN B 6 -13.00 27.25 -2.56
N SER B 7 -13.97 28.14 -2.73
CA SER B 7 -15.06 28.28 -1.78
C SER B 7 -16.23 27.38 -2.17
N GLY B 8 -17.18 27.25 -1.25
CA GLY B 8 -18.31 26.41 -1.45
C GLY B 8 -19.31 27.00 -2.44
N PRO B 9 -20.37 26.24 -2.69
CA PRO B 9 -21.41 26.70 -3.62
C PRO B 9 -22.13 27.92 -3.07
N GLU B 10 -22.67 28.72 -3.99
CA GLU B 10 -23.35 29.96 -3.62
C GLU B 10 -24.67 30.06 -4.36
N LEU B 11 -25.72 30.34 -3.59
CA LEU B 11 -27.07 30.60 -4.11
C LEU B 11 -27.38 32.06 -3.89
N VAL B 12 -27.45 32.82 -4.97
CA VAL B 12 -27.62 34.26 -4.88
C VAL B 12 -28.78 34.68 -5.76
N LYS B 13 -29.51 35.69 -5.32
CA LYS B 13 -30.63 36.17 -6.12
C LYS B 13 -30.10 36.98 -7.30
N PRO B 14 -30.79 36.91 -8.44
CA PRO B 14 -30.36 37.68 -9.61
C PRO B 14 -30.29 39.17 -9.31
N GLY B 15 -29.29 39.81 -9.91
CA GLY B 15 -29.06 41.23 -9.74
C GLY B 15 -28.10 41.60 -8.64
N ALA B 16 -27.79 40.66 -7.73
CA ALA B 16 -26.88 40.91 -6.62
C ALA B 16 -25.46 40.60 -7.07
N SER B 17 -24.53 40.54 -6.10
CA SER B 17 -23.14 40.23 -6.37
C SER B 17 -22.73 39.01 -5.56
N VAL B 18 -21.61 38.41 -5.96
CA VAL B 18 -21.09 37.23 -5.27
C VAL B 18 -19.57 37.19 -5.44
N LYS B 19 -18.88 36.83 -4.36
CA LYS B 19 -17.42 36.77 -4.35
C LYS B 19 -16.98 35.34 -4.08
N ILE B 20 -16.00 34.86 -4.85
CA ILE B 20 -15.47 33.51 -4.75
C ILE B 20 -13.98 33.58 -4.42
N SER B 21 -13.56 32.79 -3.43
CA SER B 21 -12.17 32.74 -3.01
C SER B 21 -11.42 31.59 -3.69
N CYS B 22 -10.11 31.52 -3.43
CA CYS B 22 -9.22 30.52 -4.04
C CYS B 22 -7.91 30.44 -3.26
N LYS B 23 -7.90 29.67 -2.16
CA LYS B 23 -6.71 29.48 -1.33
C LYS B 23 -5.66 28.62 -2.05
N ALA B 24 -4.54 29.23 -2.42
CA ALA B 24 -3.46 28.55 -3.11
C ALA B 24 -2.41 28.08 -2.11
N SER B 25 -1.83 26.90 -2.36
CA SER B 25 -0.82 26.34 -1.47
C SER B 25 0.04 25.33 -2.23
N GLY B 26 1.23 25.06 -1.67
CA GLY B 26 2.13 24.06 -2.24
C GLY B 26 3.17 24.55 -3.22
N TYR B 27 3.28 25.85 -3.42
CA TYR B 27 4.25 26.41 -4.35
C TYR B 27 4.46 27.87 -4.00
N THR B 28 5.44 28.49 -4.67
CA THR B 28 5.69 29.91 -4.46
C THR B 28 4.59 30.71 -5.15
N PHE B 29 3.70 31.28 -4.33
CA PHE B 29 2.49 31.94 -4.84
C PHE B 29 2.79 33.08 -5.78
N THR B 30 3.90 33.77 -5.59
CA THR B 30 4.20 34.95 -6.39
C THR B 30 4.87 34.57 -7.70
N ASP B 31 5.07 33.28 -7.93
CA ASP B 31 5.76 32.79 -9.11
C ASP B 31 4.82 32.39 -10.25
N TYR B 32 3.50 32.56 -10.10
CA TYR B 32 2.58 32.11 -11.13
C TYR B 32 1.37 33.03 -11.27
N TYR B 33 0.91 33.18 -12.51
CA TYR B 33 -0.36 33.83 -12.84
C TYR B 33 -1.53 33.08 -12.26
N MET B 34 -2.51 33.82 -11.72
CA MET B 34 -3.73 33.19 -11.23
C MET B 34 -4.88 33.49 -12.20
N ASN B 35 -5.45 32.44 -12.79
CA ASN B 35 -6.49 32.54 -13.81
C ASN B 35 -7.86 32.12 -13.27
N TRP B 36 -8.90 32.52 -14.01
CA TRP B 36 -10.27 32.09 -13.73
C TRP B 36 -10.96 31.64 -15.01
N VAL B 37 -11.47 30.41 -15.00
CA VAL B 37 -12.15 29.81 -16.14
C VAL B 37 -13.60 29.55 -15.75
N LYS B 38 -14.52 29.92 -16.63
CA LYS B 38 -15.94 29.70 -16.45
C LYS B 38 -16.37 28.48 -17.24
N GLN B 39 -17.25 27.68 -16.66
CA GLN B 39 -17.77 26.50 -17.33
C GLN B 39 -19.27 26.46 -17.11
N SER B 40 -20.02 26.71 -18.17
CA SER B 40 -21.47 26.66 -18.11
C SER B 40 -21.92 25.20 -18.21
N HIS B 41 -23.14 24.94 -17.72
CA HIS B 41 -23.66 23.58 -17.73
C HIS B 41 -23.79 23.10 -19.17
N GLY B 42 -23.02 22.06 -19.52
CA GLY B 42 -23.05 21.53 -20.87
C GLY B 42 -22.25 22.31 -21.88
N LYS B 43 -21.57 23.38 -21.46
CA LYS B 43 -20.77 24.21 -22.34
C LYS B 43 -19.28 23.93 -22.15
N SER B 44 -18.48 24.63 -22.94
CA SER B 44 -17.03 24.50 -22.94
C SER B 44 -16.42 25.44 -21.90
N LEU B 45 -15.09 25.37 -21.77
CA LEU B 45 -14.38 26.21 -20.83
C LEU B 45 -14.28 27.62 -21.41
N GLU B 46 -14.34 28.61 -20.53
CA GLU B 46 -14.36 30.01 -20.93
C GLU B 46 -13.40 30.80 -20.05
N TRP B 47 -12.35 31.35 -20.67
CA TRP B 47 -11.32 32.09 -19.94
C TRP B 47 -11.82 33.47 -19.53
N ILE B 48 -11.88 33.72 -18.23
CA ILE B 48 -12.36 34.99 -17.72
C ILE B 48 -11.25 36.03 -17.72
N GLY B 49 -10.12 35.69 -17.13
CA GLY B 49 -8.99 36.59 -17.06
C GLY B 49 -7.96 36.06 -16.10
N ASN B 50 -6.82 36.73 -16.09
CA ASN B 50 -5.73 36.38 -15.19
C ASN B 50 -5.41 37.55 -14.29
N ILE B 51 -4.50 37.32 -13.35
CA ILE B 51 -4.04 38.35 -12.44
C ILE B 51 -2.62 38.02 -12.00
N ASN B 52 -1.79 39.06 -11.93
CA ASN B 52 -0.43 38.93 -11.43
C ASN B 52 -0.48 39.16 -9.93
N PRO B 53 -0.19 38.14 -9.11
CA PRO B 53 -0.28 38.28 -7.65
C PRO B 53 0.65 39.33 -7.06
N ASN B 54 1.72 39.70 -7.75
CA ASN B 54 2.69 40.65 -7.21
C ASN B 54 2.07 42.04 -7.06
N ASN B 55 1.44 42.55 -8.11
CA ASN B 55 0.91 43.90 -8.10
C ASN B 55 -0.59 43.91 -8.42
N GLY B 56 -1.23 42.75 -8.49
CA GLY B 56 -2.63 42.67 -8.89
C GLY B 56 -2.83 42.96 -10.35
N GLY B 57 -1.94 42.43 -11.20
CA GLY B 57 -2.01 42.68 -12.62
C GLY B 57 -3.12 41.97 -13.34
N THR B 58 -4.33 42.53 -13.34
CA THR B 58 -5.47 41.85 -13.97
C THR B 58 -5.43 42.06 -15.48
N SER B 59 -5.48 40.95 -16.21
CA SER B 59 -5.59 40.98 -17.68
C SER B 59 -6.87 40.22 -18.00
N TYR B 60 -7.93 40.97 -18.31
CA TYR B 60 -9.25 40.40 -18.53
C TYR B 60 -9.49 40.06 -20.00
N ASN B 61 -10.65 39.47 -20.24
CA ASN B 61 -11.13 39.15 -21.57
C ASN B 61 -12.17 40.20 -21.92
N GLN B 62 -12.21 40.59 -23.20
CA GLN B 62 -13.17 41.60 -23.64
C GLN B 62 -14.60 41.14 -23.36
N LYS B 63 -14.84 39.82 -23.32
CA LYS B 63 -16.17 39.29 -23.06
C LYS B 63 -16.55 39.38 -21.58
N PHE B 64 -15.58 39.56 -20.69
CA PHE B 64 -15.85 39.61 -19.26
C PHE B 64 -15.44 40.94 -18.65
N LYS B 65 -15.01 41.91 -19.46
CA LYS B 65 -14.63 43.22 -18.96
C LYS B 65 -15.85 43.89 -18.34
N GLY B 66 -15.75 44.21 -17.05
CA GLY B 66 -16.85 44.78 -16.31
C GLY B 66 -17.83 43.77 -15.77
N LYS B 67 -17.65 42.49 -16.08
CA LYS B 67 -18.50 41.41 -15.59
C LYS B 67 -17.88 40.70 -14.40
N ALA B 68 -16.55 40.59 -14.40
CA ALA B 68 -15.80 39.94 -13.34
C ALA B 68 -14.69 40.89 -12.89
N THR B 69 -14.34 40.80 -11.60
CA THR B 69 -13.27 41.61 -11.03
C THR B 69 -12.36 40.70 -10.23
N LEU B 70 -11.12 40.54 -10.69
CA LEU B 70 -10.14 39.67 -10.05
C LEU B 70 -9.32 40.48 -9.07
N THR B 71 -9.12 39.94 -7.87
CA THR B 71 -8.27 40.54 -6.86
C THR B 71 -7.34 39.47 -6.31
N VAL B 72 -6.33 39.90 -5.54
CA VAL B 72 -5.33 38.97 -5.00
C VAL B 72 -4.82 39.49 -3.68
N ASP B 73 -4.47 38.57 -2.77
CA ASP B 73 -3.88 38.89 -1.48
C ASP B 73 -2.66 38.01 -1.22
N LYS B 74 -1.50 38.64 -1.01
CA LYS B 74 -0.27 37.88 -0.76
C LYS B 74 -0.14 37.48 0.70
N SER B 75 -0.77 38.22 1.61
CA SER B 75 -0.66 37.97 3.03
C SER B 75 -1.24 36.60 3.41
N SER B 76 -2.10 36.05 2.56
CA SER B 76 -2.71 34.75 2.79
C SER B 76 -2.65 33.86 1.55
N THR B 77 -2.02 34.34 0.48
CA THR B 77 -1.93 33.63 -0.80
C THR B 77 -3.31 33.18 -1.28
N THR B 78 -4.17 34.16 -1.52
CA THR B 78 -5.54 33.86 -1.93
C THR B 78 -6.02 34.83 -2.99
N ALA B 79 -6.53 34.29 -4.09
CA ALA B 79 -7.06 35.08 -5.19
C ALA B 79 -8.59 35.05 -5.16
N TYR B 80 -9.21 36.18 -5.45
CA TYR B 80 -10.65 36.29 -5.41
C TYR B 80 -11.20 36.74 -6.76
N MET B 81 -12.44 36.32 -7.05
CA MET B 81 -13.17 36.78 -8.23
C MET B 81 -14.56 37.20 -7.81
N GLU B 82 -14.91 38.46 -8.09
CA GLU B 82 -16.23 38.99 -7.75
C GLU B 82 -17.04 39.18 -9.02
N LEU B 83 -18.32 38.83 -8.96
CA LEU B 83 -19.25 38.92 -10.08
C LEU B 83 -20.44 39.77 -9.69
N ARG B 84 -20.80 40.73 -10.54
CA ARG B 84 -21.97 41.58 -10.35
C ARG B 84 -22.90 41.41 -11.53
N SER B 85 -24.13 41.91 -11.38
CA SER B 85 -25.19 41.79 -12.36
C SER B 85 -25.43 40.33 -12.74
N LEU B 86 -25.82 39.55 -11.73
CA LEU B 86 -25.96 38.12 -11.90
C LEU B 86 -27.25 37.78 -12.64
N THR B 87 -27.14 36.93 -13.65
CA THR B 87 -28.27 36.45 -14.43
C THR B 87 -28.30 34.92 -14.40
N SER B 88 -29.21 34.33 -15.17
CA SER B 88 -29.32 32.88 -15.22
C SER B 88 -28.16 32.25 -15.95
N GLU B 89 -27.46 33.01 -16.82
CA GLU B 89 -26.32 32.47 -17.56
C GLU B 89 -25.11 32.28 -16.65
N ASP B 90 -25.00 33.09 -15.59
CA ASP B 90 -23.88 32.98 -14.68
C ASP B 90 -24.00 31.77 -13.79
N SER B 91 -25.17 31.12 -13.75
CA SER B 91 -25.35 29.89 -12.98
C SER B 91 -24.50 28.81 -13.62
N ALA B 92 -23.21 28.83 -13.30
CA ALA B 92 -22.24 27.91 -13.88
C ALA B 92 -21.18 27.61 -12.85
N VAL B 93 -20.33 26.63 -13.16
CA VAL B 93 -19.23 26.24 -12.30
C VAL B 93 -18.00 27.06 -12.67
N TYR B 94 -17.34 27.61 -11.66
CA TYR B 94 -16.18 28.47 -11.88
C TYR B 94 -14.95 27.82 -11.26
N TYR B 95 -13.85 27.87 -12.00
CA TYR B 95 -12.57 27.33 -11.56
C TYR B 95 -11.52 28.44 -11.51
N CYS B 96 -10.63 28.36 -10.53
CA CYS B 96 -9.43 29.19 -10.49
C CYS B 96 -8.24 28.28 -10.78
N THR B 97 -7.47 28.60 -11.82
CA THR B 97 -6.40 27.71 -12.23
C THR B 97 -5.08 28.45 -12.33
N ARG B 98 -4.03 27.82 -11.83
CA ARG B 98 -2.69 28.36 -11.88
C ARG B 98 -2.12 28.27 -13.30
N SER B 99 -1.28 29.25 -13.66
CA SER B 99 -0.61 29.16 -14.96
C SER B 99 0.71 29.92 -14.95
N PRO B 100 1.75 29.38 -15.59
CA PRO B 100 2.99 30.14 -15.76
C PRO B 100 2.79 31.25 -16.78
N VAL B 101 3.83 32.05 -17.06
CA VAL B 101 3.65 33.12 -18.03
C VAL B 101 3.88 32.65 -19.47
N ARG B 102 4.72 31.63 -19.69
CA ARG B 102 4.97 31.09 -21.02
C ARG B 102 5.68 29.75 -20.91
N PRO B 103 5.15 28.69 -21.54
CA PRO B 103 3.88 28.69 -22.27
C PRO B 103 2.66 28.67 -21.35
N TYR B 104 1.58 29.33 -21.80
CA TYR B 104 0.42 29.61 -20.98
C TYR B 104 -0.58 28.44 -20.89
N TYR B 105 -0.17 27.40 -20.17
CA TYR B 105 -1.06 26.27 -19.91
C TYR B 105 -1.61 26.38 -18.49
N PHE B 106 -2.71 25.67 -18.23
CA PHE B 106 -3.34 25.64 -16.90
C PHE B 106 -3.02 24.33 -16.20
N ASP B 107 -1.89 24.30 -15.49
CA ASP B 107 -1.41 23.05 -14.89
C ASP B 107 -2.29 22.57 -13.74
N TYR B 108 -2.60 23.42 -12.76
CA TYR B 108 -3.39 23.01 -11.60
C TYR B 108 -4.68 23.80 -11.50
N TRP B 109 -5.80 23.09 -11.30
CA TRP B 109 -7.10 23.72 -11.17
C TRP B 109 -7.68 23.52 -9.77
N GLY B 110 -8.72 24.31 -9.48
CA GLY B 110 -9.48 24.16 -8.26
C GLY B 110 -10.61 23.14 -8.43
N GLN B 111 -11.28 22.82 -7.34
CA GLN B 111 -12.35 21.82 -7.41
C GLN B 111 -13.61 22.37 -8.05
N GLY B 112 -13.73 23.69 -8.18
CA GLY B 112 -14.89 24.29 -8.80
C GLY B 112 -15.80 24.94 -7.77
N THR B 113 -16.62 25.87 -8.24
CA THR B 113 -17.58 26.55 -7.37
C THR B 113 -18.90 26.62 -8.10
N THR B 114 -19.89 25.92 -7.56
CA THR B 114 -21.23 25.86 -8.15
C THR B 114 -21.99 27.13 -7.76
N LEU B 115 -22.31 27.95 -8.74
CA LEU B 115 -23.06 29.18 -8.52
C LEU B 115 -24.45 29.01 -9.09
N THR B 116 -25.47 29.28 -8.28
CA THR B 116 -26.85 29.21 -8.73
C THR B 116 -27.46 30.59 -8.53
N VAL B 117 -27.86 31.21 -9.64
CA VAL B 117 -28.48 32.53 -9.64
C VAL B 117 -29.97 32.34 -9.89
N SER B 118 -30.77 32.33 -8.83
CA SER B 118 -32.20 32.17 -8.94
C SER B 118 -32.84 32.76 -7.70
N SER B 119 -34.07 33.24 -7.85
CA SER B 119 -34.78 33.81 -6.71
C SER B 119 -35.56 32.76 -5.95
N ALA B 120 -35.42 31.50 -6.34
CA ALA B 120 -36.13 30.41 -5.68
C ALA B 120 -35.60 30.19 -4.28
N LYS B 121 -36.51 29.96 -3.35
CA LYS B 121 -36.14 29.76 -1.95
C LYS B 121 -35.35 28.47 -1.77
N THR B 122 -34.36 28.52 -0.89
CA THR B 122 -33.56 27.34 -0.56
C THR B 122 -34.45 26.31 0.11
N THR B 123 -34.75 25.21 -0.59
CA THR B 123 -35.67 24.22 -0.05
C THR B 123 -34.90 23.01 0.47
N PRO B 124 -35.13 22.64 1.73
CA PRO B 124 -34.46 21.46 2.31
C PRO B 124 -34.97 20.15 1.71
N PRO B 125 -34.07 19.19 1.52
CA PRO B 125 -34.43 17.91 0.91
C PRO B 125 -35.18 16.98 1.84
N SER B 126 -36.11 16.22 1.24
CA SER B 126 -36.88 15.20 1.94
C SER B 126 -36.21 13.85 1.70
N VAL B 127 -35.67 13.27 2.77
CA VAL B 127 -34.92 12.02 2.70
C VAL B 127 -35.86 10.87 3.07
N TYR B 128 -36.15 10.01 2.10
CA TYR B 128 -37.01 8.86 2.33
C TYR B 128 -36.27 7.57 1.99
N PRO B 129 -36.14 6.64 2.95
CA PRO B 129 -35.38 5.41 2.71
C PRO B 129 -36.03 4.52 1.67
N LEU B 130 -35.29 4.20 0.61
CA LEU B 130 -35.81 3.30 -0.43
C LEU B 130 -35.25 1.94 -0.08
N ALA B 131 -36.04 1.17 0.68
CA ALA B 131 -35.68 -0.16 1.17
C ALA B 131 -36.40 -1.25 0.40
N PRO B 132 -35.72 -2.38 0.17
CA PRO B 132 -36.40 -3.52 -0.46
C PRO B 132 -37.52 -4.03 0.43
N GLY B 133 -38.50 -4.67 -0.20
CA GLY B 133 -39.60 -5.25 0.53
C GLY B 133 -39.18 -6.46 1.34
N CYS B 134 -40.10 -6.93 2.17
CA CYS B 134 -39.87 -8.10 2.99
C CYS B 134 -40.25 -9.41 2.32
N GLY B 135 -40.78 -9.37 1.10
CA GLY B 135 -41.16 -10.56 0.37
C GLY B 135 -40.22 -10.94 -0.77
N ASP B 136 -39.15 -10.17 -0.97
CA ASP B 136 -38.19 -10.44 -2.03
C ASP B 136 -37.30 -11.63 -1.71
N THR B 137 -36.72 -12.22 -2.75
CA THR B 137 -35.83 -13.38 -2.61
C THR B 137 -34.41 -12.86 -2.45
N THR B 138 -33.85 -13.07 -1.25
CA THR B 138 -32.49 -12.63 -0.93
C THR B 138 -31.47 -13.52 -1.63
N GLY B 139 -30.77 -12.96 -2.61
CA GLY B 139 -29.75 -13.68 -3.36
C GLY B 139 -28.37 -13.40 -2.84
N SER B 140 -27.39 -13.38 -3.75
CA SER B 140 -26.02 -13.11 -3.34
C SER B 140 -25.78 -11.64 -3.04
N SER B 141 -26.63 -10.75 -3.56
CA SER B 141 -26.48 -9.31 -3.33
C SER B 141 -27.84 -8.65 -3.31
N VAL B 142 -27.98 -7.65 -2.45
CA VAL B 142 -29.21 -6.87 -2.31
C VAL B 142 -28.93 -5.43 -2.71
N THR B 143 -29.85 -4.83 -3.46
CA THR B 143 -29.71 -3.45 -3.90
C THR B 143 -30.62 -2.58 -3.04
N LEU B 144 -30.05 -1.51 -2.48
CA LEU B 144 -30.73 -0.58 -1.61
C LEU B 144 -30.73 0.81 -2.24
N GLY B 145 -31.49 1.72 -1.63
CA GLY B 145 -31.53 3.08 -2.13
C GLY B 145 -32.01 4.06 -1.08
N CYS B 146 -31.85 5.33 -1.41
CA CYS B 146 -32.37 6.44 -0.60
C CYS B 146 -32.81 7.54 -1.55
N LEU B 147 -34.00 8.07 -1.30
CA LEU B 147 -34.61 9.05 -2.19
C LEU B 147 -34.48 10.45 -1.60
N VAL B 148 -34.01 11.38 -2.42
CA VAL B 148 -33.88 12.78 -2.04
C VAL B 148 -34.89 13.53 -2.90
N LYS B 149 -35.89 14.12 -2.26
CA LYS B 149 -37.01 14.72 -2.95
C LYS B 149 -37.25 16.17 -2.56
N GLY B 150 -37.37 17.04 -3.55
CA GLY B 150 -37.73 18.43 -3.35
C GLY B 150 -36.68 19.32 -2.69
N TYR B 151 -35.64 19.79 -3.56
CA TYR B 151 -34.70 20.71 -2.92
C TYR B 151 -34.14 21.71 -3.92
N PHE B 152 -33.52 22.76 -3.41
CA PHE B 152 -32.98 23.82 -4.27
C PHE B 152 -31.91 24.61 -3.53
N PRO B 153 -30.78 24.89 -4.21
CA PRO B 153 -30.46 24.45 -5.57
C PRO B 153 -29.86 23.04 -5.62
N GLU B 154 -28.99 22.81 -6.60
CA GLU B 154 -28.43 21.47 -6.83
C GLU B 154 -27.34 21.11 -5.82
N SER B 155 -26.99 21.85 -4.88
CA SER B 155 -25.99 21.50 -3.87
C SER B 155 -26.54 20.41 -2.96
N VAL B 156 -26.09 19.17 -3.15
CA VAL B 156 -26.54 18.06 -2.31
C VAL B 156 -25.49 16.97 -2.34
N THR B 157 -25.37 16.22 -1.24
CA THR B 157 -24.40 15.14 -1.12
C THR B 157 -25.03 13.95 -0.41
N VAL B 158 -25.08 12.80 -1.08
CA VAL B 158 -25.64 11.57 -0.53
C VAL B 158 -24.48 10.60 -0.30
N THR B 159 -24.20 10.29 0.97
CA THR B 159 -23.14 9.37 1.37
C THR B 159 -23.74 8.08 1.93
N TRP B 160 -22.90 7.05 1.99
CA TRP B 160 -23.32 5.73 2.50
C TRP B 160 -22.35 5.21 3.54
N ASN B 161 -22.79 5.21 4.80
CA ASN B 161 -22.03 4.67 5.93
C ASN B 161 -20.64 5.30 6.03
N SER B 162 -20.59 6.63 6.04
CA SER B 162 -19.31 7.34 6.14
C SER B 162 -18.36 6.90 5.03
N GLY B 163 -18.90 6.58 3.86
CA GLY B 163 -18.10 6.16 2.72
C GLY B 163 -17.45 4.79 2.84
N SER B 164 -18.09 3.84 3.50
CA SER B 164 -17.51 2.49 3.66
C SER B 164 -18.65 1.50 3.86
N LEU B 165 -18.95 0.70 2.85
CA LEU B 165 -18.26 0.76 1.56
C LEU B 165 -19.12 1.40 0.48
N SER B 166 -18.55 1.63 -0.69
CA SER B 166 -19.28 2.21 -1.79
C SER B 166 -18.67 1.76 -3.13
N SER B 167 -18.40 0.46 -3.25
CA SER B 167 -17.82 -0.06 -4.47
C SER B 167 -18.89 -0.46 -5.47
N SER B 168 -20.16 -0.33 -5.08
CA SER B 168 -21.28 -0.67 -5.94
C SER B 168 -22.44 0.29 -5.67
N VAL B 169 -22.17 1.59 -5.70
CA VAL B 169 -23.17 2.62 -5.44
C VAL B 169 -23.47 3.32 -6.74
N HIS B 170 -24.73 3.27 -7.17
CA HIS B 170 -25.19 3.97 -8.37
C HIS B 170 -25.99 5.19 -7.96
N THR B 171 -25.42 6.39 -8.19
CA THR B 171 -26.08 7.65 -7.85
C THR B 171 -26.71 8.24 -9.11
N PHE B 172 -28.04 8.47 -9.07
CA PHE B 172 -28.76 8.96 -10.25
C PHE B 172 -28.86 10.49 -10.24
N PRO B 173 -28.57 11.14 -11.38
CA PRO B 173 -28.59 12.61 -11.43
C PRO B 173 -29.93 13.21 -11.02
N ALA B 174 -29.86 14.44 -10.53
CA ALA B 174 -31.03 15.19 -10.08
C ALA B 174 -31.80 15.75 -11.26
N LEU B 175 -33.13 15.78 -11.15
CA LEU B 175 -33.97 16.35 -12.18
C LEU B 175 -34.73 17.57 -11.63
N LEU B 176 -34.78 18.62 -12.45
CA LEU B 176 -35.40 19.88 -12.07
C LEU B 176 -36.83 19.94 -12.60
N GLN B 177 -37.77 20.35 -11.74
CA GLN B 177 -39.17 20.47 -12.14
C GLN B 177 -39.90 21.40 -11.18
N SER B 178 -40.63 22.37 -11.75
CA SER B 178 -41.40 23.35 -10.97
C SER B 178 -40.54 24.05 -9.93
N GLY B 179 -39.26 24.26 -10.26
CA GLY B 179 -38.32 24.94 -9.40
C GLY B 179 -37.70 24.10 -8.31
N LEU B 180 -37.97 22.79 -8.26
CA LEU B 180 -37.41 21.93 -7.24
C LEU B 180 -36.77 20.70 -7.88
N TYR B 181 -35.65 20.25 -7.30
CA TYR B 181 -34.90 19.10 -7.79
C TYR B 181 -35.36 17.81 -7.10
N THR B 182 -35.01 16.67 -7.72
CA THR B 182 -35.32 15.36 -7.16
C THR B 182 -34.35 14.32 -7.70
N MET B 183 -33.67 13.60 -6.81
CA MET B 183 -32.71 12.57 -7.20
C MET B 183 -32.89 11.32 -6.34
N SER B 184 -32.17 10.25 -6.70
CA SER B 184 -32.21 8.98 -5.98
C SER B 184 -30.84 8.32 -6.00
N SER B 185 -30.58 7.49 -4.97
CA SER B 185 -29.32 6.77 -4.81
C SER B 185 -29.56 5.27 -4.55
N SER B 186 -28.63 4.44 -5.03
CA SER B 186 -28.70 2.99 -4.84
C SER B 186 -27.32 2.44 -4.48
N VAL B 187 -27.30 1.26 -3.87
CA VAL B 187 -26.07 0.58 -3.47
C VAL B 187 -26.30 -0.94 -3.49
N THR B 188 -25.39 -1.66 -4.16
CA THR B 188 -25.49 -3.12 -4.24
C THR B 188 -24.52 -3.76 -3.25
N VAL B 189 -25.04 -4.28 -2.14
CA VAL B 189 -24.17 -4.90 -1.14
C VAL B 189 -24.60 -6.33 -0.87
N PRO B 190 -23.65 -7.26 -0.66
CA PRO B 190 -24.01 -8.67 -0.44
C PRO B 190 -24.93 -8.87 0.75
N SER B 191 -25.54 -10.06 0.79
CA SER B 191 -26.54 -10.43 1.79
C SER B 191 -25.95 -11.01 3.07
N SER B 192 -24.63 -11.12 3.18
CA SER B 192 -23.99 -11.70 4.36
C SER B 192 -23.65 -10.66 5.43
N THR B 193 -24.10 -9.42 5.25
CA THR B 193 -23.86 -8.34 6.19
C THR B 193 -25.14 -7.52 6.38
N TRP B 194 -26.28 -8.11 6.04
CA TRP B 194 -27.59 -7.51 6.11
C TRP B 194 -28.65 -8.58 6.28
N PRO B 195 -29.62 -8.39 7.19
CA PRO B 195 -29.68 -7.20 8.04
C PRO B 195 -28.94 -7.36 9.37
N SER B 196 -27.80 -8.05 9.33
CA SER B 196 -27.03 -8.28 10.56
C SER B 196 -26.43 -6.99 11.07
N GLN B 197 -25.62 -6.33 10.24
CA GLN B 197 -24.95 -5.10 10.62
C GLN B 197 -25.81 -3.88 10.27
N THR B 198 -25.25 -2.69 10.48
CA THR B 198 -25.93 -1.41 10.30
C THR B 198 -25.55 -0.71 8.99
N VAL B 199 -26.55 -0.42 8.15
CA VAL B 199 -26.34 0.31 6.90
C VAL B 199 -27.23 1.56 6.95
N THR B 200 -26.63 2.74 6.78
CA THR B 200 -27.34 4.01 6.87
C THR B 200 -26.89 5.00 5.81
N CYS B 201 -27.85 5.61 5.11
CA CYS B 201 -27.53 6.64 4.12
C CYS B 201 -27.64 8.03 4.75
N SER B 202 -26.72 8.93 4.40
CA SER B 202 -26.69 10.29 4.95
C SER B 202 -26.87 11.31 3.83
N VAL B 203 -27.91 12.13 3.93
CA VAL B 203 -28.18 13.17 2.94
C VAL B 203 -27.86 14.53 3.55
N ALA B 204 -26.96 15.27 2.90
CA ALA B 204 -26.49 16.58 3.34
C ALA B 204 -26.82 17.64 2.29
N HIS B 205 -27.46 18.72 2.70
CA HIS B 205 -27.76 19.85 1.81
C HIS B 205 -27.03 21.10 2.28
N PRO B 206 -25.90 21.42 1.65
CA PRO B 206 -25.07 22.55 2.11
C PRO B 206 -25.73 23.92 1.95
N ALA B 207 -26.54 24.13 0.92
CA ALA B 207 -27.15 25.45 0.72
C ALA B 207 -28.13 25.78 1.83
N SER B 208 -28.83 24.78 2.36
CA SER B 208 -29.74 24.97 3.47
C SER B 208 -29.08 24.59 4.79
N SER B 209 -27.84 24.11 4.73
CA SER B 209 -27.05 23.70 5.89
C SER B 209 -27.78 22.67 6.74
N THR B 210 -28.42 21.71 6.08
CA THR B 210 -29.14 20.66 6.79
C THR B 210 -28.46 19.33 6.50
N THR B 211 -28.69 18.35 7.38
CA THR B 211 -28.13 17.01 7.19
C THR B 211 -29.06 16.02 7.88
N VAL B 212 -29.83 15.29 7.08
CA VAL B 212 -30.77 14.30 7.58
C VAL B 212 -30.18 12.93 7.22
N ASP B 213 -30.05 12.08 8.24
CA ASP B 213 -29.52 10.74 8.06
C ASP B 213 -30.64 9.73 8.26
N LYS B 214 -30.83 8.83 7.29
CA LYS B 214 -31.88 7.83 7.36
C LYS B 214 -31.26 6.44 7.18
N LYS B 215 -31.58 5.53 8.11
CA LYS B 215 -31.11 4.15 8.04
C LYS B 215 -32.13 3.27 7.33
N LEU B 216 -31.63 2.39 6.47
CA LEU B 216 -32.49 1.49 5.72
C LEU B 216 -33.01 0.36 6.60
N GLU B 217 -34.33 0.12 6.53
CA GLU B 217 -34.97 -0.96 7.29
C GLU B 217 -35.90 -1.78 6.39
N PRO B 218 -35.75 -3.11 6.34
CA PRO B 218 -36.62 -3.97 5.52
C PRO B 218 -38.02 -4.08 6.09
N ASP C 1 -10.04 37.31 -32.15
CA ASP C 1 -9.92 36.15 -31.28
C ASP C 1 -9.72 34.86 -32.07
N ILE C 2 -9.64 33.74 -31.35
CA ILE C 2 -9.37 32.44 -31.93
C ILE C 2 -10.55 31.52 -31.66
N VAL C 3 -10.96 30.74 -32.67
CA VAL C 3 -12.09 29.83 -32.53
C VAL C 3 -11.56 28.41 -32.65
N MET C 4 -11.54 27.68 -31.54
CA MET C 4 -11.15 26.28 -31.49
C MET C 4 -12.35 25.38 -31.75
N THR C 5 -12.37 24.68 -32.88
CA THR C 5 -13.53 23.89 -33.29
C THR C 5 -13.22 22.41 -33.19
N GLN C 6 -13.97 21.69 -32.35
CA GLN C 6 -13.92 20.23 -32.29
C GLN C 6 -15.19 19.71 -32.98
N SER C 7 -15.05 19.39 -34.28
CA SER C 7 -16.20 19.02 -35.10
C SER C 7 -16.97 17.82 -34.56
N HIS C 8 -16.28 16.87 -33.93
CA HIS C 8 -16.91 15.66 -33.39
C HIS C 8 -17.14 15.81 -31.89
N LYS C 9 -18.40 16.02 -31.51
CA LYS C 9 -18.77 16.20 -30.11
C LYS C 9 -18.65 14.90 -29.33
N PHE C 10 -18.87 13.75 -29.97
CA PHE C 10 -18.76 12.45 -29.31
C PHE C 10 -17.91 11.50 -30.14
N MET C 11 -17.12 10.67 -29.46
CA MET C 11 -16.33 9.64 -30.11
C MET C 11 -16.41 8.34 -29.32
N SER C 12 -16.73 7.25 -30.00
CA SER C 12 -16.88 5.93 -29.41
C SER C 12 -15.59 5.14 -29.59
N THR C 13 -15.13 4.49 -28.51
CA THR C 13 -13.93 3.66 -28.57
C THR C 13 -14.10 2.52 -27.59
N SER C 14 -13.16 1.58 -27.64
CA SER C 14 -13.15 0.42 -26.76
C SER C 14 -11.89 0.40 -25.92
N VAL C 15 -11.91 -0.42 -24.86
CA VAL C 15 -10.77 -0.56 -23.96
C VAL C 15 -9.62 -1.23 -24.71
N GLY C 16 -8.50 -0.52 -24.84
CA GLY C 16 -7.34 -1.05 -25.52
C GLY C 16 -7.16 -0.58 -26.95
N ASP C 17 -8.18 0.07 -27.53
CA ASP C 17 -8.14 0.57 -28.89
C ASP C 17 -7.32 1.87 -28.97
N ARG C 18 -6.92 2.19 -30.20
CA ARG C 18 -6.16 3.40 -30.48
C ARG C 18 -7.15 4.51 -30.78
N VAL C 19 -7.24 5.50 -29.90
CA VAL C 19 -8.19 6.59 -30.10
C VAL C 19 -7.44 7.88 -30.34
N SER C 20 -8.00 8.75 -31.19
CA SER C 20 -7.36 10.03 -31.50
C SER C 20 -8.40 11.12 -31.70
N ILE C 21 -8.33 12.18 -30.90
CA ILE C 21 -9.25 13.32 -30.97
C ILE C 21 -8.56 14.43 -31.76
N THR C 22 -9.31 15.07 -32.67
CA THR C 22 -8.81 16.15 -33.51
C THR C 22 -9.12 17.52 -32.88
N CYS C 23 -8.46 18.55 -33.39
CA CYS C 23 -8.67 19.92 -32.90
C CYS C 23 -8.29 20.91 -33.99
N LYS C 24 -9.25 21.74 -34.39
CA LYS C 24 -9.09 22.74 -35.44
C LYS C 24 -9.07 24.14 -34.85
N ALA C 25 -8.03 24.92 -35.18
CA ALA C 25 -7.89 26.29 -34.70
C ALA C 25 -8.28 27.29 -35.78
N SER C 26 -8.43 28.56 -35.37
CA SER C 26 -8.81 29.62 -36.31
C SER C 26 -7.68 29.95 -37.27
N GLN C 27 -6.48 30.21 -36.73
CA GLN C 27 -5.31 30.55 -37.56
C GLN C 27 -4.14 29.64 -37.25
N ASP C 28 -2.98 29.95 -37.84
CA ASP C 28 -1.77 29.17 -37.60
C ASP C 28 -1.29 29.38 -36.16
N VAL C 29 -0.93 28.28 -35.50
CA VAL C 29 -0.61 28.29 -34.08
C VAL C 29 0.81 27.82 -33.82
N SER C 30 1.55 27.38 -34.84
CA SER C 30 2.87 26.78 -34.69
C SER C 30 2.75 25.52 -33.86
N THR C 31 3.28 25.54 -32.63
CA THR C 31 3.17 24.40 -31.72
C THR C 31 2.67 24.89 -30.36
N ALA C 32 1.53 25.58 -30.35
CA ALA C 32 1.03 26.13 -29.10
C ALA C 32 -0.38 25.64 -28.74
N VAL C 33 -0.55 24.33 -28.57
CA VAL C 33 -1.84 23.75 -28.21
C VAL C 33 -1.67 22.86 -26.99
N ALA C 34 -2.55 23.01 -26.01
CA ALA C 34 -2.55 22.22 -24.79
C ALA C 34 -3.84 21.42 -24.71
N TRP C 35 -3.72 20.16 -24.32
CA TRP C 35 -4.83 19.23 -24.17
C TRP C 35 -5.13 18.98 -22.70
N TYR C 36 -6.41 19.11 -22.34
CA TYR C 36 -6.90 18.93 -20.98
C TYR C 36 -7.87 17.76 -20.92
N GLN C 37 -7.85 17.06 -19.79
CA GLN C 37 -8.71 15.92 -19.51
C GLN C 37 -9.61 16.23 -18.31
N GLN C 38 -10.90 16.40 -18.55
CA GLN C 38 -11.84 16.67 -17.47
C GLN C 38 -12.66 15.42 -17.25
N LYS C 39 -12.37 14.71 -16.16
CA LYS C 39 -13.16 13.54 -15.80
C LYS C 39 -14.50 14.00 -15.23
N PRO C 40 -15.57 13.25 -15.49
CA PRO C 40 -16.91 13.65 -14.98
C PRO C 40 -16.92 13.88 -13.47
N GLY C 41 -17.09 15.13 -13.04
CA GLY C 41 -17.13 15.45 -11.64
C GLY C 41 -15.82 15.93 -11.06
N GLN C 42 -14.81 16.14 -11.88
CA GLN C 42 -13.51 16.61 -11.47
C GLN C 42 -13.13 17.88 -12.22
N SER C 43 -12.09 18.51 -11.74
CA SER C 43 -11.58 19.67 -12.43
C SER C 43 -10.80 19.24 -13.67
N PRO C 44 -10.76 20.07 -14.70
CA PRO C 44 -9.96 19.74 -15.89
C PRO C 44 -8.52 19.49 -15.48
N LYS C 45 -7.96 18.38 -15.97
CA LYS C 45 -6.59 18.01 -15.67
C LYS C 45 -5.73 18.19 -16.91
N LEU C 46 -4.63 18.91 -16.76
CA LEU C 46 -3.71 19.16 -17.86
C LEU C 46 -2.96 17.90 -18.25
N LEU C 47 -3.03 17.54 -19.53
CA LEU C 47 -2.28 16.40 -20.04
C LEU C 47 -1.15 16.80 -20.98
N ILE C 48 -1.45 17.55 -22.04
CA ILE C 48 -0.45 17.91 -23.06
C ILE C 48 -0.27 19.42 -23.10
N TYR C 49 0.96 19.87 -23.34
CA TYR C 49 1.21 21.28 -23.59
C TYR C 49 2.19 21.40 -24.75
N SER C 50 2.03 22.47 -25.53
CA SER C 50 2.86 22.72 -26.72
C SER C 50 2.82 21.54 -27.68
N ALA C 51 1.61 21.18 -28.10
CA ALA C 51 1.36 20.18 -29.13
C ALA C 51 1.78 18.75 -28.76
N SER C 52 3.07 18.52 -28.50
CA SER C 52 3.57 17.16 -28.35
C SER C 52 4.12 16.81 -26.98
N TYR C 53 4.58 17.78 -26.20
CA TYR C 53 5.19 17.50 -24.92
C TYR C 53 4.12 17.04 -23.93
N ARG C 54 4.45 16.03 -23.12
CA ARG C 54 3.54 15.57 -22.09
C ARG C 54 3.87 16.27 -20.79
N TYR C 55 2.84 16.49 -19.98
CA TYR C 55 3.06 17.07 -18.67
C TYR C 55 3.42 15.99 -17.66
N THR C 56 4.03 16.43 -16.55
CA THR C 56 4.47 15.51 -15.51
C THR C 56 3.28 14.86 -14.80
N GLY C 57 3.42 13.56 -14.51
CA GLY C 57 2.37 12.82 -13.87
C GLY C 57 1.36 12.22 -14.82
N VAL C 58 1.60 12.33 -16.12
CA VAL C 58 0.72 11.79 -17.14
C VAL C 58 1.31 10.48 -17.66
N PRO C 59 0.55 9.39 -17.64
CA PRO C 59 1.07 8.10 -18.11
C PRO C 59 1.56 8.18 -19.54
N ASP C 60 2.33 7.17 -19.95
CA ASP C 60 2.95 7.13 -21.26
C ASP C 60 1.93 6.89 -22.37
N ARG C 61 0.72 6.45 -22.01
CA ARG C 61 -0.32 6.13 -22.97
C ARG C 61 -0.97 7.36 -23.59
N PHE C 62 -0.66 8.57 -23.11
CA PHE C 62 -1.18 9.82 -23.65
C PHE C 62 -0.10 10.52 -24.48
N THR C 63 -0.39 10.78 -25.76
CA THR C 63 0.56 11.46 -26.65
C THR C 63 -0.14 12.59 -27.41
N GLY C 64 0.68 13.48 -27.96
CA GLY C 64 0.18 14.60 -28.75
C GLY C 64 1.01 14.83 -29.99
N SER C 65 0.36 15.35 -31.04
CA SER C 65 1.02 15.60 -32.33
C SER C 65 0.32 16.73 -33.07
N GLY C 66 0.93 17.16 -34.17
CA GLY C 66 0.46 18.24 -35.01
C GLY C 66 1.37 19.46 -34.96
N SER C 67 1.41 20.19 -36.07
CA SER C 67 2.25 21.38 -36.19
C SER C 67 1.65 22.31 -37.24
N GLY C 68 1.05 23.41 -36.79
CA GLY C 68 0.43 24.39 -37.66
C GLY C 68 -0.91 24.86 -37.15
N THR C 69 -2.00 24.24 -37.61
CA THR C 69 -3.34 24.62 -37.17
C THR C 69 -4.13 23.48 -36.57
N ASP C 70 -4.07 22.29 -37.19
CA ASP C 70 -4.78 21.10 -36.74
C ASP C 70 -3.88 20.26 -35.84
N PHE C 71 -4.39 19.86 -34.68
CA PHE C 71 -3.60 19.10 -33.72
C PHE C 71 -4.40 17.88 -33.26
N THR C 72 -3.66 16.85 -32.82
CA THR C 72 -4.25 15.55 -32.48
C THR C 72 -3.75 14.98 -31.15
N PHE C 73 -4.71 14.53 -30.33
CA PHE C 73 -4.47 13.86 -29.04
C PHE C 73 -4.75 12.35 -29.15
N THR C 74 -3.72 11.53 -28.87
CA THR C 74 -3.73 10.10 -29.07
C THR C 74 -3.63 9.32 -27.77
N ILE C 75 -4.47 8.29 -27.60
CA ILE C 75 -4.36 7.34 -26.49
C ILE C 75 -4.21 5.95 -27.09
N SER C 76 -3.09 5.27 -26.75
CA SER C 76 -2.80 3.94 -27.27
C SER C 76 -3.54 2.85 -26.50
N SER C 77 -3.47 2.88 -25.17
CA SER C 77 -4.12 1.86 -24.35
C SER C 77 -5.19 2.55 -23.51
N VAL C 78 -6.43 2.53 -24.01
CA VAL C 78 -7.53 3.14 -23.29
C VAL C 78 -7.88 2.25 -22.10
N GLN C 79 -8.00 2.86 -20.93
CA GLN C 79 -8.37 2.14 -19.73
C GLN C 79 -9.78 2.54 -19.33
N ALA C 80 -10.33 1.81 -18.37
CA ALA C 80 -11.68 2.10 -17.92
C ALA C 80 -11.75 3.46 -17.25
N GLU C 81 -10.65 3.88 -16.63
CA GLU C 81 -10.58 5.16 -15.94
C GLU C 81 -10.19 6.31 -16.87
N ASP C 82 -9.89 6.02 -18.14
CA ASP C 82 -9.58 7.06 -19.11
C ASP C 82 -10.87 7.70 -19.65
N LEU C 83 -12.02 7.24 -19.17
CA LEU C 83 -13.32 7.76 -19.52
C LEU C 83 -13.45 9.20 -19.04
N ALA C 84 -13.43 10.17 -19.95
CA ALA C 84 -13.52 11.58 -19.57
C ALA C 84 -13.88 12.40 -20.80
N VAL C 85 -14.03 13.70 -20.59
CA VAL C 85 -14.30 14.66 -21.66
C VAL C 85 -13.03 15.46 -21.88
N TYR C 86 -12.51 15.42 -23.11
CA TYR C 86 -11.23 16.05 -23.46
C TYR C 86 -11.44 17.39 -24.16
N TYR C 87 -10.72 18.42 -23.70
CA TYR C 87 -10.78 19.76 -24.28
C TYR C 87 -9.42 20.12 -24.88
N CYS C 88 -9.43 20.89 -25.96
CA CYS C 88 -8.20 21.48 -26.51
C CYS C 88 -8.23 23.00 -26.38
N GLN C 89 -7.05 23.59 -26.11
CA GLN C 89 -6.95 25.01 -25.80
C GLN C 89 -5.67 25.57 -26.39
N GLN C 90 -5.75 26.73 -27.04
CA GLN C 90 -4.60 27.42 -27.59
C GLN C 90 -3.94 28.32 -26.55
N HIS C 91 -2.62 28.46 -26.65
CA HIS C 91 -1.87 29.27 -25.68
C HIS C 91 -0.82 30.15 -26.38
N TYR C 92 -1.27 31.03 -27.26
CA TYR C 92 -0.33 31.94 -27.93
C TYR C 92 -0.90 33.34 -28.02
N SER C 93 -2.15 33.45 -28.45
CA SER C 93 -2.80 34.74 -28.66
C SER C 93 -3.77 35.03 -27.52
N ILE C 94 -3.80 36.29 -27.11
CA ILE C 94 -4.78 36.73 -26.10
C ILE C 94 -6.06 37.07 -26.85
N PRO C 95 -7.22 36.55 -26.44
CA PRO C 95 -7.40 35.67 -25.29
C PRO C 95 -7.23 34.19 -25.59
N ARG C 96 -7.02 33.40 -24.53
CA ARG C 96 -6.91 31.95 -24.62
C ARG C 96 -8.31 31.34 -24.77
N THR C 97 -8.53 30.57 -25.85
CA THR C 97 -9.82 29.93 -26.08
C THR C 97 -9.74 28.41 -25.98
N PHE C 98 -10.90 27.78 -25.82
CA PHE C 98 -11.02 26.33 -25.69
C PHE C 98 -11.86 25.74 -26.82
N GLY C 99 -11.76 24.39 -26.92
CA GLY C 99 -12.58 23.60 -27.82
C GLY C 99 -13.95 23.28 -27.25
N GLY C 100 -14.84 22.82 -28.13
CA GLY C 100 -16.21 22.48 -27.74
C GLY C 100 -16.32 21.34 -26.75
N GLY C 101 -15.33 20.45 -26.70
CA GLY C 101 -15.32 19.30 -25.80
C GLY C 101 -15.78 18.01 -26.46
N THR C 102 -14.91 16.99 -26.41
CA THR C 102 -15.18 15.66 -26.98
C THR C 102 -15.33 14.59 -25.91
N LYS C 103 -16.57 14.13 -25.68
CA LYS C 103 -16.81 13.07 -24.69
C LYS C 103 -16.40 11.71 -25.26
N LEU C 104 -15.51 11.00 -24.56
CA LEU C 104 -15.02 9.70 -25.02
C LEU C 104 -15.85 8.61 -24.35
N GLU C 105 -16.79 8.02 -25.09
CA GLU C 105 -17.62 6.93 -24.60
C GLU C 105 -17.02 5.57 -24.94
N ILE C 106 -17.02 4.66 -23.97
CA ILE C 106 -16.39 3.34 -24.12
C ILE C 106 -17.42 2.31 -24.58
N LYS C 107 -17.04 1.54 -25.60
CA LYS C 107 -17.86 0.49 -26.19
C LYS C 107 -17.45 -0.89 -25.66
N ARG C 108 -18.44 -1.67 -25.22
CA ARG C 108 -18.18 -3.01 -24.71
C ARG C 108 -19.30 -3.94 -25.18
N ALA C 109 -19.28 -5.18 -24.68
CA ALA C 109 -20.30 -6.16 -24.99
C ALA C 109 -21.59 -5.81 -24.27
N ASP C 110 -22.69 -6.37 -24.77
CA ASP C 110 -24.00 -6.09 -24.18
C ASP C 110 -24.11 -6.69 -22.77
N ALA C 111 -24.89 -6.01 -21.93
CA ALA C 111 -25.12 -6.41 -20.55
C ALA C 111 -26.61 -6.33 -20.21
N ALA C 112 -27.11 -7.35 -19.53
CA ALA C 112 -28.52 -7.43 -19.14
C ALA C 112 -28.85 -6.45 -18.01
N PRO C 113 -29.83 -5.57 -18.20
CA PRO C 113 -30.18 -4.58 -17.16
C PRO C 113 -30.83 -5.24 -15.94
N THR C 114 -30.18 -5.10 -14.79
CA THR C 114 -30.70 -5.58 -13.52
C THR C 114 -31.77 -4.62 -13.02
N VAL C 115 -33.03 -5.07 -13.06
CA VAL C 115 -34.18 -4.25 -12.70
C VAL C 115 -34.62 -4.60 -11.28
N SER C 116 -34.83 -3.57 -10.45
CA SER C 116 -35.26 -3.76 -9.07
C SER C 116 -36.33 -2.74 -8.73
N ILE C 117 -37.52 -3.20 -8.37
CA ILE C 117 -38.65 -2.35 -8.04
C ILE C 117 -38.68 -2.12 -6.54
N PHE C 118 -39.08 -0.93 -6.11
CA PHE C 118 -39.05 -0.58 -4.70
C PHE C 118 -40.38 0.02 -4.25
N PRO C 119 -40.93 -0.47 -3.14
CA PRO C 119 -42.17 0.07 -2.58
C PRO C 119 -41.93 1.32 -1.76
N PRO C 120 -42.89 2.22 -1.72
CA PRO C 120 -42.77 3.43 -0.88
C PRO C 120 -42.54 3.07 0.58
N SER C 121 -41.55 3.71 1.19
CA SER C 121 -41.17 3.47 2.57
C SER C 121 -42.22 4.03 3.53
N SER C 122 -42.12 3.59 4.80
CA SER C 122 -43.06 4.07 5.79
C SER C 122 -42.84 5.54 6.13
N GLU C 123 -41.61 6.05 6.05
CA GLU C 123 -41.43 7.47 6.34
C GLU C 123 -42.10 8.35 5.27
N GLN C 124 -42.15 7.85 4.03
CA GLN C 124 -42.81 8.61 2.98
C GLN C 124 -44.31 8.39 3.03
N LEU C 125 -44.74 7.19 3.41
CA LEU C 125 -46.18 6.98 3.56
C LEU C 125 -46.68 7.83 4.72
N THR C 126 -45.80 8.05 5.71
CA THR C 126 -46.10 8.89 6.85
C THR C 126 -46.25 10.33 6.41
N SER C 127 -45.39 10.78 5.48
CA SER C 127 -45.49 12.17 5.02
C SER C 127 -46.74 12.38 4.18
N GLY C 128 -47.22 11.35 3.47
CA GLY C 128 -48.41 11.45 2.67
C GLY C 128 -48.13 11.28 1.19
N GLY C 129 -46.98 10.69 0.88
CA GLY C 129 -46.58 10.43 -0.48
C GLY C 129 -46.17 8.98 -0.64
N ALA C 130 -46.05 8.54 -1.89
CA ALA C 130 -45.67 7.15 -2.12
C ALA C 130 -45.04 7.05 -3.50
N SER C 131 -43.73 6.78 -3.55
CA SER C 131 -43.02 6.71 -4.82
C SER C 131 -42.51 5.28 -5.03
N VAL C 132 -42.95 4.65 -6.10
CA VAL C 132 -42.44 3.33 -6.49
C VAL C 132 -41.24 3.56 -7.40
N VAL C 133 -40.13 2.90 -7.06
CA VAL C 133 -38.88 3.13 -7.79
C VAL C 133 -38.57 1.92 -8.64
N CYS C 134 -37.84 2.12 -9.73
CA CYS C 134 -37.42 1.01 -10.59
C CYS C 134 -35.99 1.30 -11.07
N PHE C 135 -35.03 0.64 -10.42
CA PHE C 135 -33.62 0.84 -10.75
C PHE C 135 -33.23 -0.13 -11.84
N LEU C 136 -32.48 0.36 -12.83
CA LEU C 136 -31.96 -0.48 -13.91
C LEU C 136 -30.45 -0.29 -13.93
N ASN C 137 -29.74 -1.26 -13.37
CA ASN C 137 -28.29 -1.17 -13.14
C ASN C 137 -27.51 -2.12 -14.04
N ASN C 138 -26.33 -1.66 -14.48
CA ASN C 138 -25.38 -2.45 -15.24
C ASN C 138 -25.94 -3.06 -16.52
N PHE C 139 -26.04 -2.25 -17.57
CA PHE C 139 -26.46 -2.73 -18.86
C PHE C 139 -25.73 -1.94 -19.95
N TYR C 140 -25.76 -2.45 -21.16
CA TYR C 140 -25.09 -1.79 -22.27
C TYR C 140 -25.71 -2.22 -23.59
N PRO C 141 -25.98 -1.29 -24.52
CA PRO C 141 -25.66 0.13 -24.42
C PRO C 141 -26.72 0.96 -23.68
N LYS C 142 -26.69 2.28 -23.90
CA LYS C 142 -27.60 3.18 -23.20
C LYS C 142 -29.04 2.98 -23.63
N ASP C 143 -29.25 2.70 -24.93
CA ASP C 143 -30.60 2.52 -25.45
C ASP C 143 -31.32 1.39 -24.75
N ILE C 144 -32.41 1.73 -24.05
CA ILE C 144 -33.21 0.76 -23.32
C ILE C 144 -34.58 1.35 -23.08
N ASN C 145 -35.60 0.52 -23.22
CA ASN C 145 -36.97 0.91 -22.99
C ASN C 145 -37.36 0.55 -21.58
N VAL C 146 -38.15 1.40 -20.95
CA VAL C 146 -38.65 1.15 -19.61
C VAL C 146 -40.15 1.34 -19.68
N LYS C 147 -40.89 0.30 -19.31
CA LYS C 147 -42.34 0.34 -19.34
C LYS C 147 -42.83 0.10 -17.92
N TRP C 148 -43.83 0.88 -17.52
CA TRP C 148 -44.40 0.80 -16.19
C TRP C 148 -45.75 0.11 -16.21
N LYS C 149 -46.06 -0.51 -15.08
CA LYS C 149 -47.30 -1.25 -14.90
C LYS C 149 -47.76 -1.06 -13.45
N ILE C 150 -48.82 -0.27 -13.27
CA ILE C 150 -49.34 -0.10 -11.91
C ILE C 150 -50.03 -1.38 -11.49
N ASP C 151 -50.94 -1.86 -12.33
CA ASP C 151 -51.65 -3.12 -12.15
C ASP C 151 -51.84 -3.76 -13.52
N GLY C 152 -50.74 -3.86 -14.28
CA GLY C 152 -50.74 -4.39 -15.62
C GLY C 152 -50.88 -3.37 -16.74
N SER C 153 -51.44 -2.20 -16.46
CA SER C 153 -51.60 -1.13 -17.44
C SER C 153 -50.35 -0.27 -17.53
N GLU C 154 -49.95 0.06 -18.76
CA GLU C 154 -48.75 0.87 -18.96
C GLU C 154 -48.99 2.26 -18.41
N ARG C 155 -48.37 2.56 -17.28
CA ARG C 155 -48.44 3.87 -16.66
C ARG C 155 -47.40 4.76 -17.30
N GLN C 156 -47.81 5.97 -17.67
CA GLN C 156 -46.91 6.86 -18.38
C GLN C 156 -46.81 8.25 -17.76
N ASN C 157 -47.79 8.69 -16.97
CA ASN C 157 -47.72 9.99 -16.34
C ASN C 157 -47.01 9.80 -15.00
N GLY C 158 -46.10 10.71 -14.71
CA GLY C 158 -45.33 10.63 -13.48
C GLY C 158 -44.14 9.71 -13.56
N VAL C 159 -43.67 9.39 -14.76
CA VAL C 159 -42.52 8.51 -14.97
C VAL C 159 -41.35 9.37 -15.38
N LEU C 160 -40.24 9.27 -14.66
CA LEU C 160 -39.02 10.01 -14.98
C LEU C 160 -37.84 9.07 -15.16
N ASN C 161 -37.19 9.14 -16.31
CA ASN C 161 -36.01 8.33 -16.60
C ASN C 161 -34.77 9.19 -16.40
N SER C 162 -33.81 8.68 -15.62
CA SER C 162 -32.57 9.39 -15.34
C SER C 162 -31.41 8.48 -15.70
N TRP C 163 -30.70 8.81 -16.78
CA TRP C 163 -29.52 8.05 -17.20
C TRP C 163 -28.28 8.64 -16.57
N THR C 164 -27.48 7.79 -15.92
CA THR C 164 -26.20 8.24 -15.40
C THR C 164 -25.17 8.20 -16.54
N ASP C 165 -23.99 8.75 -16.27
CA ASP C 165 -22.93 8.63 -17.26
C ASP C 165 -22.36 7.22 -17.26
N GLN C 166 -21.51 6.95 -18.24
CA GLN C 166 -20.87 5.65 -18.34
C GLN C 166 -19.97 5.42 -17.13
N ASP C 167 -19.64 4.15 -16.88
CA ASP C 167 -18.83 3.81 -15.73
C ASP C 167 -17.35 3.83 -16.08
N SER C 168 -16.53 4.03 -15.04
CA SER C 168 -15.08 4.12 -15.18
C SER C 168 -14.38 2.83 -14.77
N LYS C 169 -15.15 1.78 -14.47
CA LYS C 169 -14.62 0.50 -14.02
C LYS C 169 -15.01 -0.64 -14.96
N ASP C 170 -16.29 -0.76 -15.31
CA ASP C 170 -16.79 -1.80 -16.20
C ASP C 170 -17.48 -1.22 -17.42
N SER C 171 -17.55 0.11 -17.53
CA SER C 171 -18.17 0.80 -18.66
C SER C 171 -19.62 0.36 -18.87
N THR C 172 -20.42 0.46 -17.81
CA THR C 172 -21.83 0.07 -17.89
C THR C 172 -22.72 1.21 -17.42
N TYR C 173 -23.64 1.62 -18.30
CA TYR C 173 -24.61 2.66 -17.97
C TYR C 173 -25.59 2.15 -16.92
N SER C 174 -26.23 3.09 -16.23
CA SER C 174 -27.25 2.76 -15.23
C SER C 174 -28.29 3.88 -15.21
N MET C 175 -29.56 3.51 -15.19
CA MET C 175 -30.65 4.48 -15.21
C MET C 175 -31.67 4.17 -14.13
N SER C 176 -32.46 5.19 -13.80
CA SER C 176 -33.52 5.03 -12.80
C SER C 176 -34.83 5.51 -13.40
N SER C 177 -35.85 4.65 -13.35
CA SER C 177 -37.20 4.97 -13.79
C SER C 177 -38.03 5.16 -12.52
N THR C 178 -38.51 6.38 -12.28
CA THR C 178 -39.22 6.70 -11.06
C THR C 178 -40.71 6.93 -11.35
N LEU C 179 -41.57 6.22 -10.61
CA LEU C 179 -43.02 6.40 -10.70
C LEU C 179 -43.54 6.95 -9.37
N THR C 180 -43.74 8.26 -9.31
CA THR C 180 -44.19 8.95 -8.11
C THR C 180 -45.70 9.06 -8.05
N LEU C 181 -46.31 8.60 -6.96
CA LEU C 181 -47.76 8.67 -6.78
C LEU C 181 -48.11 9.15 -5.37
N THR C 182 -49.39 9.47 -5.20
CA THR C 182 -49.92 9.90 -3.92
C THR C 182 -50.22 8.71 -3.01
N LYS C 183 -50.38 9.00 -1.72
CA LYS C 183 -50.65 7.95 -0.73
C LYS C 183 -52.04 7.34 -0.93
N ASP C 184 -53.04 8.18 -1.22
CA ASP C 184 -54.41 7.69 -1.42
C ASP C 184 -54.45 6.71 -2.57
N GLU C 185 -53.73 7.02 -3.65
CA GLU C 185 -53.69 6.15 -4.81
C GLU C 185 -52.84 4.92 -4.52
N TYR C 186 -51.86 5.03 -3.61
CA TYR C 186 -51.02 3.88 -3.29
C TYR C 186 -51.77 2.86 -2.45
N GLU C 187 -52.66 3.29 -1.55
CA GLU C 187 -53.37 2.32 -0.73
C GLU C 187 -54.64 1.81 -1.40
N ARG C 188 -54.80 2.03 -2.71
CA ARG C 188 -55.91 1.49 -3.47
C ARG C 188 -55.41 0.53 -4.53
N HIS C 189 -54.11 0.23 -4.53
CA HIS C 189 -53.51 -0.71 -5.47
C HIS C 189 -52.46 -1.52 -4.74
N ASN C 190 -52.13 -2.69 -5.27
CA ASN C 190 -51.24 -3.58 -4.54
C ASN C 190 -49.93 -3.88 -5.26
N SER C 191 -49.96 -4.87 -6.15
CA SER C 191 -48.78 -5.38 -6.83
C SER C 191 -48.33 -4.45 -7.95
N TYR C 192 -47.25 -3.72 -7.73
CA TYR C 192 -46.67 -2.87 -8.75
C TYR C 192 -45.67 -3.67 -9.56
N THR C 193 -45.55 -3.34 -10.85
CA THR C 193 -44.70 -4.09 -11.77
C THR C 193 -44.04 -3.13 -12.76
N CYS C 194 -42.71 -3.14 -12.83
CA CYS C 194 -41.96 -2.42 -13.85
C CYS C 194 -41.16 -3.40 -14.70
N GLU C 195 -41.17 -3.18 -16.02
CA GLU C 195 -40.49 -4.06 -16.96
C GLU C 195 -39.56 -3.24 -17.85
N ALA C 196 -38.52 -3.90 -18.36
CA ALA C 196 -37.51 -3.25 -19.19
C ALA C 196 -37.28 -4.05 -20.47
N THR C 197 -37.23 -3.34 -21.59
CA THR C 197 -36.96 -3.93 -22.89
C THR C 197 -35.56 -3.49 -23.33
N HIS C 198 -34.65 -4.45 -23.47
CA HIS C 198 -33.29 -4.18 -23.86
C HIS C 198 -32.93 -5.03 -25.08
N LYS C 199 -31.78 -4.74 -25.69
CA LYS C 199 -31.41 -5.50 -26.87
C LYS C 199 -30.73 -6.82 -26.52
N THR C 200 -30.44 -7.05 -25.24
CA THR C 200 -29.83 -8.31 -24.83
C THR C 200 -30.79 -9.48 -25.01
N SER C 201 -32.09 -9.25 -24.79
CA SER C 201 -33.10 -10.27 -24.96
C SER C 201 -34.40 -9.63 -25.41
N THR C 202 -35.18 -10.40 -26.18
CA THR C 202 -36.44 -9.93 -26.72
C THR C 202 -37.54 -9.77 -25.68
N SER C 203 -37.54 -10.61 -24.64
CA SER C 203 -38.57 -10.57 -23.61
C SER C 203 -38.23 -9.56 -22.52
N PRO C 204 -39.06 -8.53 -22.32
CA PRO C 204 -38.79 -7.55 -21.27
C PRO C 204 -38.77 -8.19 -19.88
N ILE C 205 -37.85 -7.70 -19.05
CA ILE C 205 -37.71 -8.17 -17.67
C ILE C 205 -38.82 -7.53 -16.83
N VAL C 206 -39.61 -8.38 -16.17
CA VAL C 206 -40.80 -7.96 -15.42
C VAL C 206 -40.53 -8.17 -13.93
N LYS C 207 -40.70 -7.10 -13.15
CA LYS C 207 -40.55 -7.12 -11.70
C LYS C 207 -41.83 -6.65 -11.00
N SER C 208 -42.22 -7.33 -9.92
CA SER C 208 -43.46 -7.04 -9.22
C SER C 208 -43.30 -7.18 -7.71
N PHE C 209 -44.09 -6.40 -6.96
CA PHE C 209 -44.17 -6.51 -5.50
C PHE C 209 -45.60 -6.24 -5.06
N ASN C 210 -45.90 -6.55 -3.80
CA ASN C 210 -47.23 -6.33 -3.21
C ASN C 210 -47.20 -5.24 -2.15
N ARG C 211 -48.29 -4.45 -2.08
CA ARG C 211 -48.42 -3.38 -1.10
C ARG C 211 -48.77 -3.87 0.31
N ASN C 212 -49.31 -5.08 0.44
CA ASN C 212 -49.84 -5.50 1.74
C ASN C 212 -48.68 -5.93 2.62
N GLU C 213 -47.98 -4.90 3.10
CA GLU C 213 -46.90 -5.05 4.07
C GLU C 213 -45.94 -6.12 3.58
N CYS C 214 -45.59 -5.99 2.29
CA CYS C 214 -44.70 -6.87 1.54
C CYS C 214 -44.83 -8.34 1.94
C1 NAG D . 7.78 19.71 -4.21
C2 NAG D . 6.37 20.01 -4.73
C3 NAG D . 5.68 20.99 -3.79
C4 NAG D . 5.66 20.45 -2.37
C5 NAG D . 7.08 20.11 -1.93
C6 NAG D . 7.13 19.42 -0.58
C7 NAG D . 5.47 20.21 -7.01
C8 NAG D . 5.64 20.85 -8.35
N2 NAG D . 6.39 20.53 -6.09
O3 NAG D . 4.34 21.23 -4.24
O4 NAG D . 5.12 21.42 -1.48
O5 NAG D . 7.69 19.20 -2.87
O6 NAG D . 8.26 18.58 -0.48
O7 NAG D . 4.55 19.44 -6.76
C10 RFS E . 15.34 -12.65 14.60
C17 RFS E . 12.65 -16.42 10.09
C20 RFS E . 11.94 -15.82 7.43
C21 RFS E . 13.02 -15.18 8.01
C01 RFS E . 18.92 -14.87 11.92
C02 RFS E . 19.69 -14.32 10.71
C04 RFS E . 17.94 -15.02 9.13
C05 RFS E . 16.96 -14.78 10.29
C06 RFS E . 17.47 -15.11 11.68
C07 RFS E . 16.68 -14.20 12.73
C08 RFS E . 16.66 -14.59 14.13
C09 RFS E . 16.02 -13.83 15.02
C11 RFS E . 15.36 -12.27 13.24
C12 RFS E . 16.03 -13.05 12.31
C14 RFS E . 15.73 -15.67 10.04
C16 RFS E . 13.40 -15.46 9.33
C18 RFS E . 11.55 -17.06 9.51
C19 RFS E . 11.19 -16.77 8.19
C23 RFS E . 9.58 -18.07 9.10
N03 RFS E . 19.37 -15.12 9.51
O15 RFS E . 14.52 -14.80 9.91
O22 RFS E . 10.07 -17.55 7.87
O24 RFS E . 10.65 -18.02 10.00
BR1 RFS E . 14.43 -11.58 15.86
#